data_1MJC
# 
_entry.id   1MJC 
# 
_audit_conform.dict_name       mmcif_pdbx.dic 
_audit_conform.dict_version    5.386 
_audit_conform.dict_location   http://mmcif.pdb.org/dictionaries/ascii/mmcif_pdbx.dic 
# 
loop_
_database_2.database_id 
_database_2.database_code 
_database_2.pdbx_database_accession 
_database_2.pdbx_DOI 
PDB   1MJC         pdb_00001mjc 10.2210/pdb1mjc/pdb 
WWPDB D_1000175024 ?            ?                   
# 
loop_
_pdbx_audit_revision_history.ordinal 
_pdbx_audit_revision_history.data_content_type 
_pdbx_audit_revision_history.major_revision 
_pdbx_audit_revision_history.minor_revision 
_pdbx_audit_revision_history.revision_date 
1 'Structure model' 1 0 1994-06-22 
2 'Structure model' 1 1 2008-03-24 
3 'Structure model' 1 2 2011-07-13 
4 'Structure model' 1 3 2017-11-29 
5 'Structure model' 1 4 2019-07-17 
6 'Structure model' 1 5 2019-08-14 
7 'Structure model' 1 6 2024-02-14 
# 
_pdbx_audit_revision_details.ordinal             1 
_pdbx_audit_revision_details.revision_ordinal    1 
_pdbx_audit_revision_details.data_content_type   'Structure model' 
_pdbx_audit_revision_details.provider            repository 
_pdbx_audit_revision_details.type                'Initial release' 
_pdbx_audit_revision_details.description         ? 
_pdbx_audit_revision_details.details             ? 
# 
loop_
_pdbx_audit_revision_group.ordinal 
_pdbx_audit_revision_group.revision_ordinal 
_pdbx_audit_revision_group.data_content_type 
_pdbx_audit_revision_group.group 
1  2 'Structure model' 'Version format compliance' 
2  3 'Structure model' 'Version format compliance' 
3  4 'Structure model' 'Derived calculations'      
4  4 'Structure model' Other                       
5  5 'Structure model' 'Data collection'           
6  5 'Structure model' 'Refinement description'    
7  6 'Structure model' 'Data collection'           
8  6 'Structure model' 'Refinement description'    
9  7 'Structure model' 'Data collection'           
10 7 'Structure model' 'Database references'       
# 
loop_
_pdbx_audit_revision_category.ordinal 
_pdbx_audit_revision_category.revision_ordinal 
_pdbx_audit_revision_category.data_content_type 
_pdbx_audit_revision_category.category 
1 4 'Structure model' pdbx_database_status 
2 4 'Structure model' struct_conf          
3 4 'Structure model' struct_conf_type     
4 5 'Structure model' software             
5 6 'Structure model' software             
6 7 'Structure model' chem_comp_atom       
7 7 'Structure model' chem_comp_bond       
8 7 'Structure model' database_2           
# 
loop_
_pdbx_audit_revision_item.ordinal 
_pdbx_audit_revision_item.revision_ordinal 
_pdbx_audit_revision_item.data_content_type 
_pdbx_audit_revision_item.item 
1 4 'Structure model' '_pdbx_database_status.process_site'  
2 5 'Structure model' '_software.classification'            
3 6 'Structure model' '_software.classification'            
4 7 'Structure model' '_database_2.pdbx_DOI'                
5 7 'Structure model' '_database_2.pdbx_database_accession' 
# 
_pdbx_database_status.status_code                     REL 
_pdbx_database_status.entry_id                        1MJC 
_pdbx_database_status.recvd_initial_deposition_date   1994-03-18 
_pdbx_database_status.deposit_site                    ? 
_pdbx_database_status.process_site                    BNL 
_pdbx_database_status.status_code_sf                  REL 
_pdbx_database_status.status_code_mr                  ? 
_pdbx_database_status.SG_entry                        ? 
_pdbx_database_status.pdb_format_compatible           Y 
_pdbx_database_status.status_code_cs                  ? 
_pdbx_database_status.methods_development_category    ? 
_pdbx_database_status.status_code_nmr_data            ? 
# 
loop_
_audit_author.name 
_audit_author.pdbx_ordinal 
'Schindelin, H.' 1 
'Heinemann, U.'  2 
# 
loop_
_citation.id 
_citation.title 
_citation.journal_abbrev 
_citation.journal_volume 
_citation.page_first 
_citation.page_last 
_citation.year 
_citation.journal_id_ASTM 
_citation.country 
_citation.journal_id_ISSN 
_citation.journal_id_CSD 
_citation.book_publisher 
_citation.pdbx_database_id_PubMed 
_citation.pdbx_database_id_DOI 
primary 'Crystal structure of CspA, the major cold shock protein of Escherichia coli.'                                    
Proc.Natl.Acad.Sci.USA 91  5119 5123 1994 PNASA6 US 0027-8424 0040 ? 8197194 10.1073/pnas.91.11.5119 
1       'Universal Nucleic Acid-Binding Domain Revealed by Crystal Structure of the B. Subtilis Major Cold Shock Protein' Nature 
364 164  ?    1993 NATUAS UK 0028-0836 0006 ? ?       ?                       
2       'Major Cold Shock Protein of Escherichia Coli'                                                                    
Proc.Natl.Acad.Sci.USA 87  283  ?    1990 PNASA6 US 0027-8424 0040 ? ?       ?                       
# 
loop_
_citation_author.citation_id 
_citation_author.name 
_citation_author.ordinal 
_citation_author.identifier_ORCID 
primary 'Schindelin, H.' 1  ? 
primary 'Jiang, W.'      2  ? 
primary 'Inouye, M.'     3  ? 
primary 'Heinemann, U.'  4  ? 
1       'Schindelin, H.' 5  ? 
1       'Marahiel, M.'   6  ? 
1       'Heinemann, U.'  7  ? 
2       'Goldstein, J.'  8  ? 
2       'Pollitt, N.S.'  9  ? 
2       'Inouye, M.'     10 ? 
# 
loop_
_entity.id 
_entity.type 
_entity.src_method 
_entity.pdbx_description 
_entity.formula_weight 
_entity.pdbx_number_of_molecules 
_entity.pdbx_ec 
_entity.pdbx_mutation 
_entity.pdbx_fragment 
_entity.details 
1 polymer man 'MAJOR COLD-SHOCK PROTEIN 7.4' 7280.057 1  ? ? ? ? 
2 water   nat water                          18.015   36 ? ? ? ? 
# 
_entity_poly.entity_id                      1 
_entity_poly.type                           'polypeptide(L)' 
_entity_poly.nstd_linkage                   no 
_entity_poly.nstd_monomer                   no 
_entity_poly.pdbx_seq_one_letter_code       SGKMTGIVKWFNADKGFGFITPDDGSKDVFVHFSAIQNDGYKSLDEGQKVSFTIESGAKGPAAGNVTSL 
_entity_poly.pdbx_seq_one_letter_code_can   SGKMTGIVKWFNADKGFGFITPDDGSKDVFVHFSAIQNDGYKSLDEGQKVSFTIESGAKGPAAGNVTSL 
_entity_poly.pdbx_strand_id                 A 
_entity_poly.pdbx_target_identifier         ? 
# 
_pdbx_entity_nonpoly.entity_id   2 
_pdbx_entity_nonpoly.name        water 
_pdbx_entity_nonpoly.comp_id     HOH 
# 
loop_
_entity_poly_seq.entity_id 
_entity_poly_seq.num 
_entity_poly_seq.mon_id 
_entity_poly_seq.hetero 
1 1  SER n 
1 2  GLY n 
1 3  LYS n 
1 4  MET n 
1 5  THR n 
1 6  GLY n 
1 7  ILE n 
1 8  VAL n 
1 9  LYS n 
1 10 TRP n 
1 11 PHE n 
1 12 ASN n 
1 13 ALA n 
1 14 ASP n 
1 15 LYS n 
1 16 GLY n 
1 17 PHE n 
1 18 GLY n 
1 19 PHE n 
1 20 ILE n 
1 21 THR n 
1 22 PRO n 
1 23 ASP n 
1 24 ASP n 
1 25 GLY n 
1 26 SER n 
1 27 LYS n 
1 28 ASP n 
1 29 VAL n 
1 30 PHE n 
1 31 VAL n 
1 32 HIS n 
1 33 PHE n 
1 34 SER n 
1 35 ALA n 
1 36 ILE n 
1 37 GLN n 
1 38 ASN n 
1 39 ASP n 
1 40 GLY n 
1 41 TYR n 
1 42 LYS n 
1 43 SER n 
1 44 LEU n 
1 45 ASP n 
1 46 GLU n 
1 47 GLY n 
1 48 GLN n 
1 49 LYS n 
1 50 VAL n 
1 51 SER n 
1 52 PHE n 
1 53 THR n 
1 54 ILE n 
1 55 GLU n 
1 56 SER n 
1 57 GLY n 
1 58 ALA n 
1 59 LYS n 
1 60 GLY n 
1 61 PRO n 
1 62 ALA n 
1 63 ALA n 
1 64 GLY n 
1 65 ASN n 
1 66 VAL n 
1 67 THR n 
1 68 SER n 
1 69 LEU n 
# 
_entity_src_gen.entity_id                          1 
_entity_src_gen.pdbx_src_id                        1 
_entity_src_gen.pdbx_alt_source_flag               sample 
_entity_src_gen.pdbx_seq_type                      ? 
_entity_src_gen.pdbx_beg_seq_num                   ? 
_entity_src_gen.pdbx_end_seq_num                   ? 
_entity_src_gen.gene_src_common_name               ? 
_entity_src_gen.gene_src_genus                     Escherichia 
_entity_src_gen.pdbx_gene_src_gene                 ? 
_entity_src_gen.gene_src_species                   ? 
_entity_src_gen.gene_src_strain                    ? 
_entity_src_gen.gene_src_tissue                    ? 
_entity_src_gen.gene_src_tissue_fraction           ? 
_entity_src_gen.gene_src_details                   ? 
_entity_src_gen.pdbx_gene_src_fragment             ? 
_entity_src_gen.pdbx_gene_src_scientific_name      'Escherichia coli' 
_entity_src_gen.pdbx_gene_src_ncbi_taxonomy_id     562 
_entity_src_gen.pdbx_gene_src_variant              ? 
_entity_src_gen.pdbx_gene_src_cell_line            S2 
_entity_src_gen.pdbx_gene_src_atcc                 ? 
_entity_src_gen.pdbx_gene_src_organ                ? 
_entity_src_gen.pdbx_gene_src_organelle            ? 
_entity_src_gen.pdbx_gene_src_cell                 ? 
_entity_src_gen.pdbx_gene_src_cellular_location    ? 
_entity_src_gen.host_org_common_name               ? 
_entity_src_gen.pdbx_host_org_scientific_name      ? 
_entity_src_gen.pdbx_host_org_ncbi_taxonomy_id     ? 
_entity_src_gen.host_org_genus                     ? 
_entity_src_gen.pdbx_host_org_gene                 ? 
_entity_src_gen.pdbx_host_org_organ                ? 
_entity_src_gen.host_org_species                   ? 
_entity_src_gen.pdbx_host_org_tissue               ? 
_entity_src_gen.pdbx_host_org_tissue_fraction      ? 
_entity_src_gen.pdbx_host_org_strain               ? 
_entity_src_gen.pdbx_host_org_variant              ? 
_entity_src_gen.pdbx_host_org_cell_line            ? 
_entity_src_gen.pdbx_host_org_atcc                 ? 
_entity_src_gen.pdbx_host_org_culture_collection   ? 
_entity_src_gen.pdbx_host_org_cell                 ? 
_entity_src_gen.pdbx_host_org_organelle            ? 
_entity_src_gen.pdbx_host_org_cellular_location    ? 
_entity_src_gen.pdbx_host_org_vector_type          ? 
_entity_src_gen.pdbx_host_org_vector               ? 
_entity_src_gen.host_org_details                   ? 
_entity_src_gen.expression_system_id               ? 
_entity_src_gen.plasmid_name                       ? 
_entity_src_gen.plasmid_details                    ? 
_entity_src_gen.pdbx_description                   ? 
# 
loop_
_chem_comp.id 
_chem_comp.type 
_chem_comp.mon_nstd_flag 
_chem_comp.name 
_chem_comp.pdbx_synonyms 
_chem_comp.formula 
_chem_comp.formula_weight 
ALA 'L-peptide linking' y ALANINE         ? 'C3 H7 N O2'     89.093  
ASN 'L-peptide linking' y ASPARAGINE      ? 'C4 H8 N2 O3'    132.118 
ASP 'L-peptide linking' y 'ASPARTIC ACID' ? 'C4 H7 N O4'     133.103 
GLN 'L-peptide linking' y GLUTAMINE       ? 'C5 H10 N2 O3'   146.144 
GLU 'L-peptide linking' y 'GLUTAMIC ACID' ? 'C5 H9 N O4'     147.129 
GLY 'peptide linking'   y GLYCINE         ? 'C2 H5 N O2'     75.067  
HIS 'L-peptide linking' y HISTIDINE       ? 'C6 H10 N3 O2 1' 156.162 
HOH non-polymer         . WATER           ? 'H2 O'           18.015  
ILE 'L-peptide linking' y ISOLEUCINE      ? 'C6 H13 N O2'    131.173 
LEU 'L-peptide linking' y LEUCINE         ? 'C6 H13 N O2'    131.173 
LYS 'L-peptide linking' y LYSINE          ? 'C6 H15 N2 O2 1' 147.195 
MET 'L-peptide linking' y METHIONINE      ? 'C5 H11 N O2 S'  149.211 
PHE 'L-peptide linking' y PHENYLALANINE   ? 'C9 H11 N O2'    165.189 
PRO 'L-peptide linking' y PROLINE         ? 'C5 H9 N O2'     115.130 
SER 'L-peptide linking' y SERINE          ? 'C3 H7 N O3'     105.093 
THR 'L-peptide linking' y THREONINE       ? 'C4 H9 N O3'     119.119 
TRP 'L-peptide linking' y TRYPTOPHAN      ? 'C11 H12 N2 O2'  204.225 
TYR 'L-peptide linking' y TYROSINE        ? 'C9 H11 N O3'    181.189 
VAL 'L-peptide linking' y VALINE          ? 'C5 H11 N O2'    117.146 
# 
loop_
_pdbx_poly_seq_scheme.asym_id 
_pdbx_poly_seq_scheme.entity_id 
_pdbx_poly_seq_scheme.seq_id 
_pdbx_poly_seq_scheme.mon_id 
_pdbx_poly_seq_scheme.ndb_seq_num 
_pdbx_poly_seq_scheme.pdb_seq_num 
_pdbx_poly_seq_scheme.auth_seq_num 
_pdbx_poly_seq_scheme.pdb_mon_id 
_pdbx_poly_seq_scheme.auth_mon_id 
_pdbx_poly_seq_scheme.pdb_strand_id 
_pdbx_poly_seq_scheme.pdb_ins_code 
_pdbx_poly_seq_scheme.hetero 
A 1 1  SER 1  2  2  SER SER A . n 
A 1 2  GLY 2  3  3  GLY GLY A . n 
A 1 3  LYS 3  4  4  LYS LYS A . n 
A 1 4  MET 4  5  5  MET MET A . n 
A 1 5  THR 5  6  6  THR THR A . n 
A 1 6  GLY 6  7  7  GLY GLY A . n 
A 1 7  ILE 7  8  8  ILE ILE A . n 
A 1 8  VAL 8  9  9  VAL VAL A . n 
A 1 9  LYS 9  10 10 LYS LYS A . n 
A 1 10 TRP 10 11 11 TRP TRP A . n 
A 1 11 PHE 11 12 12 PHE PHE A . n 
A 1 12 ASN 12 13 13 ASN ASN A . n 
A 1 13 ALA 13 14 14 ALA ALA A . n 
A 1 14 ASP 14 15 15 ASP ASP A . n 
A 1 15 LYS 15 16 16 LYS LYS A . n 
A 1 16 GLY 16 17 17 GLY GLY A . n 
A 1 17 PHE 17 18 18 PHE PHE A . n 
A 1 18 GLY 18 19 19 GLY GLY A . n 
A 1 19 PHE 19 20 20 PHE PHE A . n 
A 1 20 ILE 20 21 21 ILE ILE A . n 
A 1 21 THR 21 22 22 THR THR A . n 
A 1 22 PRO 22 23 23 PRO PRO A . n 
A 1 23 ASP 23 24 24 ASP ASP A . n 
A 1 24 ASP 24 25 25 ASP ASP A . n 
A 1 25 GLY 25 26 26 GLY GLY A . n 
A 1 26 SER 26 27 27 SER SER A . n 
A 1 27 LYS 27 28 28 LYS LYS A . n 
A 1 28 ASP 28 29 29 ASP ASP A . n 
A 1 29 VAL 29 30 30 VAL VAL A . n 
A 1 30 PHE 30 31 31 PHE PHE A . n 
A 1 31 VAL 31 32 32 VAL VAL A . n 
A 1 32 HIS 32 33 33 HIS HIS A . n 
A 1 33 PHE 33 34 34 PHE PHE A . n 
A 1 34 SER 34 35 35 SER SER A . n 
A 1 35 ALA 35 36 36 ALA ALA A . n 
A 1 36 ILE 36 37 37 ILE ILE A . n 
A 1 37 GLN 37 38 38 GLN GLN A . n 
A 1 38 ASN 38 39 39 ASN ASN A . n 
A 1 39 ASP 39 40 40 ASP ASP A . n 
A 1 40 GLY 40 41 41 GLY GLY A . n 
A 1 41 TYR 41 42 42 TYR TYR A . n 
A 1 42 LYS 42 43 43 LYS LYS A . n 
A 1 43 SER 43 44 44 SER SER A . n 
A 1 44 LEU 44 45 45 LEU LEU A . n 
A 1 45 ASP 45 46 46 ASP ASP A . n 
A 1 46 GLU 46 47 47 GLU GLU A . n 
A 1 47 GLY 47 48 48 GLY GLY A . n 
A 1 48 GLN 48 49 49 GLN GLN A . n 
A 1 49 LYS 49 50 50 LYS LYS A . n 
A 1 50 VAL 50 51 51 VAL VAL A . n 
A 1 51 SER 51 52 52 SER SER A . n 
A 1 52 PHE 52 53 53 PHE PHE A . n 
A 1 53 THR 53 54 54 THR THR A . n 
A 1 54 ILE 54 55 55 ILE ILE A . n 
A 1 55 GLU 55 56 56 GLU GLU A . n 
A 1 56 SER 56 57 57 SER SER A . n 
A 1 57 GLY 57 58 58 GLY GLY A . n 
A 1 58 ALA 58 59 59 ALA ALA A . n 
A 1 59 LYS 59 60 60 LYS LYS A . n 
A 1 60 GLY 60 61 61 GLY GLY A . n 
A 1 61 PRO 61 62 62 PRO PRO A . n 
A 1 62 ALA 62 63 63 ALA ALA A . n 
A 1 63 ALA 63 64 64 ALA ALA A . n 
A 1 64 GLY 64 65 65 GLY GLY A . n 
A 1 65 ASN 65 66 66 ASN ASN A . n 
A 1 66 VAL 66 67 67 VAL VAL A . n 
A 1 67 THR 67 68 68 THR THR A . n 
A 1 68 SER 68 69 69 SER SER A . n 
A 1 69 LEU 69 70 70 LEU LEU A . n 
# 
loop_
_pdbx_nonpoly_scheme.asym_id 
_pdbx_nonpoly_scheme.entity_id 
_pdbx_nonpoly_scheme.mon_id 
_pdbx_nonpoly_scheme.ndb_seq_num 
_pdbx_nonpoly_scheme.pdb_seq_num 
_pdbx_nonpoly_scheme.auth_seq_num 
_pdbx_nonpoly_scheme.pdb_mon_id 
_pdbx_nonpoly_scheme.auth_mon_id 
_pdbx_nonpoly_scheme.pdb_strand_id 
_pdbx_nonpoly_scheme.pdb_ins_code 
B 2 HOH 1  101 101 HOH HOH A . 
B 2 HOH 2  102 102 HOH HOH A . 
B 2 HOH 3  103 103 HOH HOH A . 
B 2 HOH 4  104 104 HOH HOH A . 
B 2 HOH 5  105 105 HOH HOH A . 
B 2 HOH 6  106 106 HOH HOH A . 
B 2 HOH 7  107 107 HOH HOH A . 
B 2 HOH 8  108 108 HOH HOH A . 
B 2 HOH 9  109 109 HOH HOH A . 
B 2 HOH 10 110 110 HOH HOH A . 
B 2 HOH 11 111 111 HOH HOH A . 
B 2 HOH 12 112 112 HOH HOH A . 
B 2 HOH 13 113 113 HOH HOH A . 
B 2 HOH 14 114 114 HOH HOH A . 
B 2 HOH 15 115 115 HOH HOH A . 
B 2 HOH 16 116 116 HOH HOH A . 
B 2 HOH 17 117 117 HOH HOH A . 
B 2 HOH 18 118 118 HOH HOH A . 
B 2 HOH 19 119 119 HOH HOH A . 
B 2 HOH 20 120 120 HOH HOH A . 
B 2 HOH 21 121 121 HOH HOH A . 
B 2 HOH 22 122 122 HOH HOH A . 
B 2 HOH 23 123 123 HOH HOH A . 
B 2 HOH 24 124 124 HOH HOH A . 
B 2 HOH 25 125 125 HOH HOH A . 
B 2 HOH 26 126 126 HOH HOH A . 
B 2 HOH 27 127 127 HOH HOH A . 
B 2 HOH 28 128 128 HOH HOH A . 
B 2 HOH 29 129 129 HOH HOH A . 
B 2 HOH 30 130 130 HOH HOH A . 
B 2 HOH 31 131 131 HOH HOH A . 
B 2 HOH 32 132 132 HOH HOH A . 
B 2 HOH 33 133 133 HOH HOH A . 
B 2 HOH 34 134 134 HOH HOH A . 
B 2 HOH 35 135 135 HOH HOH A . 
B 2 HOH 36 136 136 HOH HOH A . 
# 
loop_
_software.name 
_software.classification 
_software.version 
_software.citation_id 
_software.pdbx_ordinal 
X-PLOR 'model building' . ? 1 
PROLSQ refinement       . ? 2 
X-PLOR refinement       . ? 3 
X-PLOR phasing          . ? 4 
# 
_cell.entry_id           1MJC 
_cell.length_a           47.120 
_cell.length_b           39.920 
_cell.length_c           30.920 
_cell.angle_alpha        90.00 
_cell.angle_beta         90.00 
_cell.angle_gamma        90.00 
_cell.Z_PDB              4 
_cell.pdbx_unique_axis   ? 
# 
_symmetry.entry_id                         1MJC 
_symmetry.space_group_name_H-M             'P 21 21 21' 
_symmetry.pdbx_full_space_group_name_H-M   ? 
_symmetry.cell_setting                     ? 
_symmetry.Int_Tables_number                19 
# 
_exptl.entry_id          1MJC 
_exptl.method            'X-RAY DIFFRACTION' 
_exptl.crystals_number   ? 
# 
_exptl_crystal.id                    1 
_exptl_crystal.density_meas          ? 
_exptl_crystal.density_Matthews      2.00 
_exptl_crystal.density_percent_sol   38.40 
_exptl_crystal.description           ? 
# 
_diffrn.id                     1 
_diffrn.ambient_temp           ? 
_diffrn.ambient_temp_details   ? 
_diffrn.crystal_id             1 
# 
_diffrn_radiation.diffrn_id                        1 
_diffrn_radiation.wavelength_id                    1 
_diffrn_radiation.pdbx_monochromatic_or_laue_m_l   ? 
_diffrn_radiation.monochromator                    ? 
_diffrn_radiation.pdbx_diffrn_protocol             ? 
_diffrn_radiation.pdbx_scattering_type             x-ray 
# 
_diffrn_radiation_wavelength.id           1 
_diffrn_radiation_wavelength.wavelength   . 
_diffrn_radiation_wavelength.wt           1.0 
# 
_refine.entry_id                                 1MJC 
_refine.ls_number_reflns_obs                     3774 
_refine.ls_number_reflns_all                     ? 
_refine.pdbx_ls_sigma_I                          ? 
_refine.pdbx_ls_sigma_F                          1.0 
_refine.pdbx_data_cutoff_high_absF               ? 
_refine.pdbx_data_cutoff_low_absF                ? 
_refine.pdbx_data_cutoff_high_rms_absF           ? 
_refine.ls_d_res_low                             10.0 
_refine.ls_d_res_high                            2.0 
_refine.ls_percent_reflns_obs                    ? 
_refine.ls_R_factor_obs                          0.1870000 
_refine.ls_R_factor_all                          ? 
_refine.ls_R_factor_R_work                       0.1870000 
_refine.ls_R_factor_R_free                       ? 
_refine.ls_R_factor_R_free_error                 ? 
_refine.ls_R_factor_R_free_error_details         ? 
_refine.ls_percent_reflns_R_free                 ? 
_refine.ls_number_reflns_R_free                  ? 
_refine.ls_number_parameters                     ? 
_refine.ls_number_restraints                     ? 
_refine.occupancy_min                            ? 
_refine.occupancy_max                            ? 
_refine.B_iso_mean                               ? 
_refine.aniso_B[1][1]                            ? 
_refine.aniso_B[2][2]                            ? 
_refine.aniso_B[3][3]                            ? 
_refine.aniso_B[1][2]                            ? 
_refine.aniso_B[1][3]                            ? 
_refine.aniso_B[2][3]                            ? 
_refine.solvent_model_details                    ? 
_refine.solvent_model_param_ksol                 ? 
_refine.solvent_model_param_bsol                 ? 
_refine.pdbx_ls_cross_valid_method               ? 
_refine.details                                  ? 
_refine.pdbx_starting_model                      ? 
_refine.pdbx_method_to_determine_struct          ? 
_refine.pdbx_isotropic_thermal_model             ? 
_refine.pdbx_stereochemistry_target_values       ? 
_refine.pdbx_stereochem_target_val_spec_case     ? 
_refine.pdbx_R_Free_selection_details            ? 
_refine.pdbx_overall_ESU_R                       ? 
_refine.pdbx_overall_ESU_R_Free                  ? 
_refine.overall_SU_ML                            ? 
_refine.overall_SU_B                             ? 
_refine.pdbx_refine_id                           'X-RAY DIFFRACTION' 
_refine.pdbx_diffrn_id                           1 
_refine.pdbx_TLS_residual_ADP_flag               ? 
_refine.correlation_coeff_Fo_to_Fc               ? 
_refine.correlation_coeff_Fo_to_Fc_free          ? 
_refine.pdbx_solvent_vdw_probe_radii             ? 
_refine.pdbx_solvent_ion_probe_radii             ? 
_refine.pdbx_solvent_shrinkage_radii             ? 
_refine.pdbx_overall_phase_error                 ? 
_refine.overall_SU_R_Cruickshank_DPI             ? 
_refine.pdbx_overall_SU_R_free_Cruickshank_DPI   ? 
_refine.pdbx_overall_SU_R_Blow_DPI               ? 
_refine.pdbx_overall_SU_R_free_Blow_DPI          ? 
# 
_refine_hist.pdbx_refine_id                   'X-RAY DIFFRACTION' 
_refine_hist.cycle_id                         LAST 
_refine_hist.pdbx_number_atoms_protein        514 
_refine_hist.pdbx_number_atoms_nucleic_acid   0 
_refine_hist.pdbx_number_atoms_ligand         0 
_refine_hist.number_atoms_solvent             36 
_refine_hist.number_atoms_total               550 
_refine_hist.d_res_high                       2.0 
_refine_hist.d_res_low                        10.0 
# 
loop_
_refine_ls_restr.type 
_refine_ls_restr.dev_ideal 
_refine_ls_restr.dev_ideal_target 
_refine_ls_restr.weight 
_refine_ls_restr.number 
_refine_ls_restr.pdbx_refine_id 
_refine_ls_restr.pdbx_restraint_function 
x_bond_d                0.014 ?    ? ? 'X-RAY DIFFRACTION' ? 
x_bond_d_na             ?     ?    ? ? 'X-RAY DIFFRACTION' ? 
x_bond_d_prot           ?     ?    ? ? 'X-RAY DIFFRACTION' ? 
x_angle_d               ?     ?    ? ? 'X-RAY DIFFRACTION' ? 
x_angle_d_na            ?     ?    ? ? 'X-RAY DIFFRACTION' ? 
x_angle_d_prot          ?     ?    ? ? 'X-RAY DIFFRACTION' ? 
x_angle_deg             ?     ?    ? ? 'X-RAY DIFFRACTION' ? 
x_angle_deg_na          ?     ?    ? ? 'X-RAY DIFFRACTION' ? 
x_angle_deg_prot        ?     ?    ? ? 'X-RAY DIFFRACTION' ? 
x_dihedral_angle_d      ?     ?    ? ? 'X-RAY DIFFRACTION' ? 
x_dihedral_angle_d_na   ?     ?    ? ? 'X-RAY DIFFRACTION' ? 
x_dihedral_angle_d_prot ?     ?    ? ? 'X-RAY DIFFRACTION' ? 
x_improper_angle_d      ?     ?    ? ? 'X-RAY DIFFRACTION' ? 
x_improper_angle_d_na   ?     ?    ? ? 'X-RAY DIFFRACTION' ? 
x_improper_angle_d_prot ?     ?    ? ? 'X-RAY DIFFRACTION' ? 
x_mcbond_it             2.31  2.00 ? ? 'X-RAY DIFFRACTION' ? 
x_mcangle_it            4.13  3.00 ? ? 'X-RAY DIFFRACTION' ? 
x_scbond_it             3.43  4.50 ? ? 'X-RAY DIFFRACTION' ? 
x_scangle_it            5.29  4.50 ? ? 'X-RAY DIFFRACTION' ? 
# 
_struct.entry_id                  1MJC 
_struct.title                     'CRYSTAL STRUCTURE OF CSPA, THE MAJOR COLD SHOCK PROTEIN OF ESCHERICHIA COLI' 
_struct.pdbx_model_details        ? 
_struct.pdbx_CASP_flag            ? 
_struct.pdbx_model_type_details   ? 
# 
_struct_keywords.entry_id        1MJC 
_struct_keywords.pdbx_keywords   'TRANSCRIPTION REGULATION' 
_struct_keywords.text            'TRANSCRIPTION REGULATION' 
# 
loop_
_struct_asym.id 
_struct_asym.pdbx_blank_PDB_chainid_flag 
_struct_asym.pdbx_modified 
_struct_asym.entity_id 
_struct_asym.details 
A N N 1 ? 
B N N 2 ? 
# 
_struct_ref.id                         1 
_struct_ref.db_name                    UNP 
_struct_ref.db_code                    CSPA_ECOLI 
_struct_ref.entity_id                  1 
_struct_ref.pdbx_db_accession          P0A9X9 
_struct_ref.pdbx_align_begin           1 
_struct_ref.pdbx_seq_one_letter_code   SGKMTGIVKWFNADKGFGFITPDDGSKDVFVHFSAIQNDGYKSLDEGQKVSFTIESGAKGPAAGNVTSL 
_struct_ref.pdbx_db_isoform            ? 
# 
_struct_ref_seq.align_id                      1 
_struct_ref_seq.ref_id                        1 
_struct_ref_seq.pdbx_PDB_id_code              1MJC 
_struct_ref_seq.pdbx_strand_id                A 
_struct_ref_seq.seq_align_beg                 1 
_struct_ref_seq.pdbx_seq_align_beg_ins_code   ? 
_struct_ref_seq.seq_align_end                 69 
_struct_ref_seq.pdbx_seq_align_end_ins_code   ? 
_struct_ref_seq.pdbx_db_accession             P0A9X9 
_struct_ref_seq.db_align_beg                  1 
_struct_ref_seq.pdbx_db_align_beg_ins_code    ? 
_struct_ref_seq.db_align_end                  69 
_struct_ref_seq.pdbx_db_align_end_ins_code    ? 
_struct_ref_seq.pdbx_auth_seq_align_beg       2 
_struct_ref_seq.pdbx_auth_seq_align_end       70 
# 
_pdbx_struct_assembly.id                   1 
_pdbx_struct_assembly.details              author_defined_assembly 
_pdbx_struct_assembly.method_details       ? 
_pdbx_struct_assembly.oligomeric_details   monomeric 
_pdbx_struct_assembly.oligomeric_count     1 
# 
_pdbx_struct_assembly_gen.assembly_id       1 
_pdbx_struct_assembly_gen.oper_expression   1 
_pdbx_struct_assembly_gen.asym_id_list      A,B 
# 
_pdbx_struct_oper_list.id                   1 
_pdbx_struct_oper_list.type                 'identity operation' 
_pdbx_struct_oper_list.name                 1_555 
_pdbx_struct_oper_list.symmetry_operation   x,y,z 
_pdbx_struct_oper_list.matrix[1][1]         1.0000000000 
_pdbx_struct_oper_list.matrix[1][2]         0.0000000000 
_pdbx_struct_oper_list.matrix[1][3]         0.0000000000 
_pdbx_struct_oper_list.vector[1]            0.0000000000 
_pdbx_struct_oper_list.matrix[2][1]         0.0000000000 
_pdbx_struct_oper_list.matrix[2][2]         1.0000000000 
_pdbx_struct_oper_list.matrix[2][3]         0.0000000000 
_pdbx_struct_oper_list.vector[2]            0.0000000000 
_pdbx_struct_oper_list.matrix[3][1]         0.0000000000 
_pdbx_struct_oper_list.matrix[3][2]         0.0000000000 
_pdbx_struct_oper_list.matrix[3][3]         1.0000000000 
_pdbx_struct_oper_list.vector[3]            0.0000000000 
# 
_struct_biol.id   1 
# 
_struct_conf.conf_type_id            HELX_P 
_struct_conf.id                      HELX_P1 
_struct_conf.pdbx_PDB_helix_id       1 
_struct_conf.beg_label_comp_id       SER 
_struct_conf.beg_label_asym_id       A 
_struct_conf.beg_label_seq_id        34 
_struct_conf.pdbx_beg_PDB_ins_code   ? 
_struct_conf.end_label_comp_id       ILE 
_struct_conf.end_label_asym_id       A 
_struct_conf.end_label_seq_id        36 
_struct_conf.pdbx_end_PDB_ins_code   ? 
_struct_conf.beg_auth_comp_id        SER 
_struct_conf.beg_auth_asym_id        A 
_struct_conf.beg_auth_seq_id         35 
_struct_conf.end_auth_comp_id        ILE 
_struct_conf.end_auth_asym_id        A 
_struct_conf.end_auth_seq_id         37 
_struct_conf.pdbx_PDB_helix_class    5 
_struct_conf.details                 ? 
_struct_conf.pdbx_PDB_helix_length   3 
# 
_struct_conf_type.id          HELX_P 
_struct_conf_type.criteria    ? 
_struct_conf_type.reference   ? 
# 
loop_
_struct_sheet.id 
_struct_sheet.type 
_struct_sheet.number_strands 
_struct_sheet.details 
S1 ? 3 ? 
S2 ? 3 ? 
# 
loop_
_struct_sheet_order.sheet_id 
_struct_sheet_order.range_id_1 
_struct_sheet_order.range_id_2 
_struct_sheet_order.offset 
_struct_sheet_order.sense 
S1 1 2 ? anti-parallel 
S1 2 3 ? anti-parallel 
S2 1 2 ? anti-parallel 
S2 2 3 ? anti-parallel 
# 
loop_
_struct_sheet_range.sheet_id 
_struct_sheet_range.id 
_struct_sheet_range.beg_label_comp_id 
_struct_sheet_range.beg_label_asym_id 
_struct_sheet_range.beg_label_seq_id 
_struct_sheet_range.pdbx_beg_PDB_ins_code 
_struct_sheet_range.end_label_comp_id 
_struct_sheet_range.end_label_asym_id 
_struct_sheet_range.end_label_seq_id 
_struct_sheet_range.pdbx_end_PDB_ins_code 
_struct_sheet_range.beg_auth_comp_id 
_struct_sheet_range.beg_auth_asym_id 
_struct_sheet_range.beg_auth_seq_id 
_struct_sheet_range.end_auth_comp_id 
_struct_sheet_range.end_auth_asym_id 
_struct_sheet_range.end_auth_seq_id 
S1 1 MET A 4  ? ASN A 12 ? MET A 5  ASN A 13 
S1 2 PHE A 17 ? PRO A 22 ? PHE A 18 PRO A 23 
S1 3 VAL A 29 ? PHE A 33 ? VAL A 30 PHE A 34 
S2 1 MET A 4  ? ASN A 12 ? MET A 5  ASN A 13 
S2 2 LYS A 49 ? GLU A 55 ? LYS A 50 GLU A 56 
S2 3 ALA A 62 ? SER A 68 ? ALA A 63 SER A 69 
# 
loop_
_pdbx_struct_sheet_hbond.sheet_id 
_pdbx_struct_sheet_hbond.range_id_1 
_pdbx_struct_sheet_hbond.range_id_2 
_pdbx_struct_sheet_hbond.range_1_label_atom_id 
_pdbx_struct_sheet_hbond.range_1_label_comp_id 
_pdbx_struct_sheet_hbond.range_1_label_asym_id 
_pdbx_struct_sheet_hbond.range_1_label_seq_id 
_pdbx_struct_sheet_hbond.range_1_PDB_ins_code 
_pdbx_struct_sheet_hbond.range_1_auth_atom_id 
_pdbx_struct_sheet_hbond.range_1_auth_comp_id 
_pdbx_struct_sheet_hbond.range_1_auth_asym_id 
_pdbx_struct_sheet_hbond.range_1_auth_seq_id 
_pdbx_struct_sheet_hbond.range_2_label_atom_id 
_pdbx_struct_sheet_hbond.range_2_label_comp_id 
_pdbx_struct_sheet_hbond.range_2_label_asym_id 
_pdbx_struct_sheet_hbond.range_2_label_seq_id 
_pdbx_struct_sheet_hbond.range_2_PDB_ins_code 
_pdbx_struct_sheet_hbond.range_2_auth_atom_id 
_pdbx_struct_sheet_hbond.range_2_auth_comp_id 
_pdbx_struct_sheet_hbond.range_2_auth_asym_id 
_pdbx_struct_sheet_hbond.range_2_auth_seq_id 
S1 1 2 N ILE A 7  ? N ILE A 8  O THR A 21 ? O THR A 22 
S1 2 3 N ILE A 20 ? N ILE A 21 O VAL A 29 ? O VAL A 30 
S2 1 2 N MET A 4  ? N MET A 5  O PHE A 52 ? O PHE A 53 
S2 2 3 N SER A 51 ? N SER A 52 O THR A 67 ? O THR A 68 
# 
loop_
_pdbx_validate_rmsd_angle.id 
_pdbx_validate_rmsd_angle.PDB_model_num 
_pdbx_validate_rmsd_angle.auth_atom_id_1 
_pdbx_validate_rmsd_angle.auth_asym_id_1 
_pdbx_validate_rmsd_angle.auth_comp_id_1 
_pdbx_validate_rmsd_angle.auth_seq_id_1 
_pdbx_validate_rmsd_angle.PDB_ins_code_1 
_pdbx_validate_rmsd_angle.label_alt_id_1 
_pdbx_validate_rmsd_angle.auth_atom_id_2 
_pdbx_validate_rmsd_angle.auth_asym_id_2 
_pdbx_validate_rmsd_angle.auth_comp_id_2 
_pdbx_validate_rmsd_angle.auth_seq_id_2 
_pdbx_validate_rmsd_angle.PDB_ins_code_2 
_pdbx_validate_rmsd_angle.label_alt_id_2 
_pdbx_validate_rmsd_angle.auth_atom_id_3 
_pdbx_validate_rmsd_angle.auth_asym_id_3 
_pdbx_validate_rmsd_angle.auth_comp_id_3 
_pdbx_validate_rmsd_angle.auth_seq_id_3 
_pdbx_validate_rmsd_angle.PDB_ins_code_3 
_pdbx_validate_rmsd_angle.label_alt_id_3 
_pdbx_validate_rmsd_angle.angle_value 
_pdbx_validate_rmsd_angle.angle_target_value 
_pdbx_validate_rmsd_angle.angle_deviation 
_pdbx_validate_rmsd_angle.angle_standard_deviation 
_pdbx_validate_rmsd_angle.linker_flag 
1 1 CB A ASP 24 ? ? CG A ASP 24 ? ? OD1 A ASP 24 ? ? 124.17 118.30 5.87   0.90 N 
2 1 CB A ASP 29 ? ? CG A ASP 29 ? ? OD1 A ASP 29 ? ? 126.79 118.30 8.49   0.90 N 
3 1 CB A GLN 38 ? ? CG A GLN 38 ? ? CD  A GLN 38 ? ? 128.11 111.60 16.51  2.60 N 
4 1 CB A TYR 42 ? ? CG A TYR 42 ? ? CD1 A TYR 42 ? ? 124.69 121.00 3.69   0.60 N 
5 1 CB A PHE 53 ? ? CG A PHE 53 ? ? CD1 A PHE 53 ? ? 125.40 120.80 4.60   0.70 N 
6 1 CG A GLU 56 ? ? CD A GLU 56 ? ? OE1 A GLU 56 ? ? 132.37 118.30 14.07  2.00 N 
7 1 CG A GLU 56 ? ? CD A GLU 56 ? ? OE2 A GLU 56 ? ? 104.28 118.30 -14.02 2.00 N 
8 1 CA A THR 68 ? ? CB A THR 68 ? ? CG2 A THR 68 ? ? 122.25 112.40 9.85   1.40 N 
# 
loop_
_pdbx_validate_torsion.id 
_pdbx_validate_torsion.PDB_model_num 
_pdbx_validate_torsion.auth_comp_id 
_pdbx_validate_torsion.auth_asym_id 
_pdbx_validate_torsion.auth_seq_id 
_pdbx_validate_torsion.PDB_ins_code 
_pdbx_validate_torsion.label_alt_id 
_pdbx_validate_torsion.phi 
_pdbx_validate_torsion.psi 
1 1 ASN A 39 ? ? -38.72  -82.10 
2 1 ASP A 40 ? ? 39.01   35.59  
3 1 TYR A 42 ? ? -146.32 -86.89 
# 
loop_
_chem_comp_atom.comp_id 
_chem_comp_atom.atom_id 
_chem_comp_atom.type_symbol 
_chem_comp_atom.pdbx_aromatic_flag 
_chem_comp_atom.pdbx_stereo_config 
_chem_comp_atom.pdbx_ordinal 
ALA N    N N N 1   
ALA CA   C N S 2   
ALA C    C N N 3   
ALA O    O N N 4   
ALA CB   C N N 5   
ALA OXT  O N N 6   
ALA H    H N N 7   
ALA H2   H N N 8   
ALA HA   H N N 9   
ALA HB1  H N N 10  
ALA HB2  H N N 11  
ALA HB3  H N N 12  
ALA HXT  H N N 13  
ASN N    N N N 14  
ASN CA   C N S 15  
ASN C    C N N 16  
ASN O    O N N 17  
ASN CB   C N N 18  
ASN CG   C N N 19  
ASN OD1  O N N 20  
ASN ND2  N N N 21  
ASN OXT  O N N 22  
ASN H    H N N 23  
ASN H2   H N N 24  
ASN HA   H N N 25  
ASN HB2  H N N 26  
ASN HB3  H N N 27  
ASN HD21 H N N 28  
ASN HD22 H N N 29  
ASN HXT  H N N 30  
ASP N    N N N 31  
ASP CA   C N S 32  
ASP C    C N N 33  
ASP O    O N N 34  
ASP CB   C N N 35  
ASP CG   C N N 36  
ASP OD1  O N N 37  
ASP OD2  O N N 38  
ASP OXT  O N N 39  
ASP H    H N N 40  
ASP H2   H N N 41  
ASP HA   H N N 42  
ASP HB2  H N N 43  
ASP HB3  H N N 44  
ASP HD2  H N N 45  
ASP HXT  H N N 46  
GLN N    N N N 47  
GLN CA   C N S 48  
GLN C    C N N 49  
GLN O    O N N 50  
GLN CB   C N N 51  
GLN CG   C N N 52  
GLN CD   C N N 53  
GLN OE1  O N N 54  
GLN NE2  N N N 55  
GLN OXT  O N N 56  
GLN H    H N N 57  
GLN H2   H N N 58  
GLN HA   H N N 59  
GLN HB2  H N N 60  
GLN HB3  H N N 61  
GLN HG2  H N N 62  
GLN HG3  H N N 63  
GLN HE21 H N N 64  
GLN HE22 H N N 65  
GLN HXT  H N N 66  
GLU N    N N N 67  
GLU CA   C N S 68  
GLU C    C N N 69  
GLU O    O N N 70  
GLU CB   C N N 71  
GLU CG   C N N 72  
GLU CD   C N N 73  
GLU OE1  O N N 74  
GLU OE2  O N N 75  
GLU OXT  O N N 76  
GLU H    H N N 77  
GLU H2   H N N 78  
GLU HA   H N N 79  
GLU HB2  H N N 80  
GLU HB3  H N N 81  
GLU HG2  H N N 82  
GLU HG3  H N N 83  
GLU HE2  H N N 84  
GLU HXT  H N N 85  
GLY N    N N N 86  
GLY CA   C N N 87  
GLY C    C N N 88  
GLY O    O N N 89  
GLY OXT  O N N 90  
GLY H    H N N 91  
GLY H2   H N N 92  
GLY HA2  H N N 93  
GLY HA3  H N N 94  
GLY HXT  H N N 95  
HIS N    N N N 96  
HIS CA   C N S 97  
HIS C    C N N 98  
HIS O    O N N 99  
HIS CB   C N N 100 
HIS CG   C Y N 101 
HIS ND1  N Y N 102 
HIS CD2  C Y N 103 
HIS CE1  C Y N 104 
HIS NE2  N Y N 105 
HIS OXT  O N N 106 
HIS H    H N N 107 
HIS H2   H N N 108 
HIS HA   H N N 109 
HIS HB2  H N N 110 
HIS HB3  H N N 111 
HIS HD1  H N N 112 
HIS HD2  H N N 113 
HIS HE1  H N N 114 
HIS HE2  H N N 115 
HIS HXT  H N N 116 
HOH O    O N N 117 
HOH H1   H N N 118 
HOH H2   H N N 119 
ILE N    N N N 120 
ILE CA   C N S 121 
ILE C    C N N 122 
ILE O    O N N 123 
ILE CB   C N S 124 
ILE CG1  C N N 125 
ILE CG2  C N N 126 
ILE CD1  C N N 127 
ILE OXT  O N N 128 
ILE H    H N N 129 
ILE H2   H N N 130 
ILE HA   H N N 131 
ILE HB   H N N 132 
ILE HG12 H N N 133 
ILE HG13 H N N 134 
ILE HG21 H N N 135 
ILE HG22 H N N 136 
ILE HG23 H N N 137 
ILE HD11 H N N 138 
ILE HD12 H N N 139 
ILE HD13 H N N 140 
ILE HXT  H N N 141 
LEU N    N N N 142 
LEU CA   C N S 143 
LEU C    C N N 144 
LEU O    O N N 145 
LEU CB   C N N 146 
LEU CG   C N N 147 
LEU CD1  C N N 148 
LEU CD2  C N N 149 
LEU OXT  O N N 150 
LEU H    H N N 151 
LEU H2   H N N 152 
LEU HA   H N N 153 
LEU HB2  H N N 154 
LEU HB3  H N N 155 
LEU HG   H N N 156 
LEU HD11 H N N 157 
LEU HD12 H N N 158 
LEU HD13 H N N 159 
LEU HD21 H N N 160 
LEU HD22 H N N 161 
LEU HD23 H N N 162 
LEU HXT  H N N 163 
LYS N    N N N 164 
LYS CA   C N S 165 
LYS C    C N N 166 
LYS O    O N N 167 
LYS CB   C N N 168 
LYS CG   C N N 169 
LYS CD   C N N 170 
LYS CE   C N N 171 
LYS NZ   N N N 172 
LYS OXT  O N N 173 
LYS H    H N N 174 
LYS H2   H N N 175 
LYS HA   H N N 176 
LYS HB2  H N N 177 
LYS HB3  H N N 178 
LYS HG2  H N N 179 
LYS HG3  H N N 180 
LYS HD2  H N N 181 
LYS HD3  H N N 182 
LYS HE2  H N N 183 
LYS HE3  H N N 184 
LYS HZ1  H N N 185 
LYS HZ2  H N N 186 
LYS HZ3  H N N 187 
LYS HXT  H N N 188 
MET N    N N N 189 
MET CA   C N S 190 
MET C    C N N 191 
MET O    O N N 192 
MET CB   C N N 193 
MET CG   C N N 194 
MET SD   S N N 195 
MET CE   C N N 196 
MET OXT  O N N 197 
MET H    H N N 198 
MET H2   H N N 199 
MET HA   H N N 200 
MET HB2  H N N 201 
MET HB3  H N N 202 
MET HG2  H N N 203 
MET HG3  H N N 204 
MET HE1  H N N 205 
MET HE2  H N N 206 
MET HE3  H N N 207 
MET HXT  H N N 208 
PHE N    N N N 209 
PHE CA   C N S 210 
PHE C    C N N 211 
PHE O    O N N 212 
PHE CB   C N N 213 
PHE CG   C Y N 214 
PHE CD1  C Y N 215 
PHE CD2  C Y N 216 
PHE CE1  C Y N 217 
PHE CE2  C Y N 218 
PHE CZ   C Y N 219 
PHE OXT  O N N 220 
PHE H    H N N 221 
PHE H2   H N N 222 
PHE HA   H N N 223 
PHE HB2  H N N 224 
PHE HB3  H N N 225 
PHE HD1  H N N 226 
PHE HD2  H N N 227 
PHE HE1  H N N 228 
PHE HE2  H N N 229 
PHE HZ   H N N 230 
PHE HXT  H N N 231 
PRO N    N N N 232 
PRO CA   C N S 233 
PRO C    C N N 234 
PRO O    O N N 235 
PRO CB   C N N 236 
PRO CG   C N N 237 
PRO CD   C N N 238 
PRO OXT  O N N 239 
PRO H    H N N 240 
PRO HA   H N N 241 
PRO HB2  H N N 242 
PRO HB3  H N N 243 
PRO HG2  H N N 244 
PRO HG3  H N N 245 
PRO HD2  H N N 246 
PRO HD3  H N N 247 
PRO HXT  H N N 248 
SER N    N N N 249 
SER CA   C N S 250 
SER C    C N N 251 
SER O    O N N 252 
SER CB   C N N 253 
SER OG   O N N 254 
SER OXT  O N N 255 
SER H    H N N 256 
SER H2   H N N 257 
SER HA   H N N 258 
SER HB2  H N N 259 
SER HB3  H N N 260 
SER HG   H N N 261 
SER HXT  H N N 262 
THR N    N N N 263 
THR CA   C N S 264 
THR C    C N N 265 
THR O    O N N 266 
THR CB   C N R 267 
THR OG1  O N N 268 
THR CG2  C N N 269 
THR OXT  O N N 270 
THR H    H N N 271 
THR H2   H N N 272 
THR HA   H N N 273 
THR HB   H N N 274 
THR HG1  H N N 275 
THR HG21 H N N 276 
THR HG22 H N N 277 
THR HG23 H N N 278 
THR HXT  H N N 279 
TRP N    N N N 280 
TRP CA   C N S 281 
TRP C    C N N 282 
TRP O    O N N 283 
TRP CB   C N N 284 
TRP CG   C Y N 285 
TRP CD1  C Y N 286 
TRP CD2  C Y N 287 
TRP NE1  N Y N 288 
TRP CE2  C Y N 289 
TRP CE3  C Y N 290 
TRP CZ2  C Y N 291 
TRP CZ3  C Y N 292 
TRP CH2  C Y N 293 
TRP OXT  O N N 294 
TRP H    H N N 295 
TRP H2   H N N 296 
TRP HA   H N N 297 
TRP HB2  H N N 298 
TRP HB3  H N N 299 
TRP HD1  H N N 300 
TRP HE1  H N N 301 
TRP HE3  H N N 302 
TRP HZ2  H N N 303 
TRP HZ3  H N N 304 
TRP HH2  H N N 305 
TRP HXT  H N N 306 
TYR N    N N N 307 
TYR CA   C N S 308 
TYR C    C N N 309 
TYR O    O N N 310 
TYR CB   C N N 311 
TYR CG   C Y N 312 
TYR CD1  C Y N 313 
TYR CD2  C Y N 314 
TYR CE1  C Y N 315 
TYR CE2  C Y N 316 
TYR CZ   C Y N 317 
TYR OH   O N N 318 
TYR OXT  O N N 319 
TYR H    H N N 320 
TYR H2   H N N 321 
TYR HA   H N N 322 
TYR HB2  H N N 323 
TYR HB3  H N N 324 
TYR HD1  H N N 325 
TYR HD2  H N N 326 
TYR HE1  H N N 327 
TYR HE2  H N N 328 
TYR HH   H N N 329 
TYR HXT  H N N 330 
VAL N    N N N 331 
VAL CA   C N S 332 
VAL C    C N N 333 
VAL O    O N N 334 
VAL CB   C N N 335 
VAL CG1  C N N 336 
VAL CG2  C N N 337 
VAL OXT  O N N 338 
VAL H    H N N 339 
VAL H2   H N N 340 
VAL HA   H N N 341 
VAL HB   H N N 342 
VAL HG11 H N N 343 
VAL HG12 H N N 344 
VAL HG13 H N N 345 
VAL HG21 H N N 346 
VAL HG22 H N N 347 
VAL HG23 H N N 348 
VAL HXT  H N N 349 
# 
loop_
_chem_comp_bond.comp_id 
_chem_comp_bond.atom_id_1 
_chem_comp_bond.atom_id_2 
_chem_comp_bond.value_order 
_chem_comp_bond.pdbx_aromatic_flag 
_chem_comp_bond.pdbx_stereo_config 
_chem_comp_bond.pdbx_ordinal 
ALA N   CA   sing N N 1   
ALA N   H    sing N N 2   
ALA N   H2   sing N N 3   
ALA CA  C    sing N N 4   
ALA CA  CB   sing N N 5   
ALA CA  HA   sing N N 6   
ALA C   O    doub N N 7   
ALA C   OXT  sing N N 8   
ALA CB  HB1  sing N N 9   
ALA CB  HB2  sing N N 10  
ALA CB  HB3  sing N N 11  
ALA OXT HXT  sing N N 12  
ASN N   CA   sing N N 13  
ASN N   H    sing N N 14  
ASN N   H2   sing N N 15  
ASN CA  C    sing N N 16  
ASN CA  CB   sing N N 17  
ASN CA  HA   sing N N 18  
ASN C   O    doub N N 19  
ASN C   OXT  sing N N 20  
ASN CB  CG   sing N N 21  
ASN CB  HB2  sing N N 22  
ASN CB  HB3  sing N N 23  
ASN CG  OD1  doub N N 24  
ASN CG  ND2  sing N N 25  
ASN ND2 HD21 sing N N 26  
ASN ND2 HD22 sing N N 27  
ASN OXT HXT  sing N N 28  
ASP N   CA   sing N N 29  
ASP N   H    sing N N 30  
ASP N   H2   sing N N 31  
ASP CA  C    sing N N 32  
ASP CA  CB   sing N N 33  
ASP CA  HA   sing N N 34  
ASP C   O    doub N N 35  
ASP C   OXT  sing N N 36  
ASP CB  CG   sing N N 37  
ASP CB  HB2  sing N N 38  
ASP CB  HB3  sing N N 39  
ASP CG  OD1  doub N N 40  
ASP CG  OD2  sing N N 41  
ASP OD2 HD2  sing N N 42  
ASP OXT HXT  sing N N 43  
GLN N   CA   sing N N 44  
GLN N   H    sing N N 45  
GLN N   H2   sing N N 46  
GLN CA  C    sing N N 47  
GLN CA  CB   sing N N 48  
GLN CA  HA   sing N N 49  
GLN C   O    doub N N 50  
GLN C   OXT  sing N N 51  
GLN CB  CG   sing N N 52  
GLN CB  HB2  sing N N 53  
GLN CB  HB3  sing N N 54  
GLN CG  CD   sing N N 55  
GLN CG  HG2  sing N N 56  
GLN CG  HG3  sing N N 57  
GLN CD  OE1  doub N N 58  
GLN CD  NE2  sing N N 59  
GLN NE2 HE21 sing N N 60  
GLN NE2 HE22 sing N N 61  
GLN OXT HXT  sing N N 62  
GLU N   CA   sing N N 63  
GLU N   H    sing N N 64  
GLU N   H2   sing N N 65  
GLU CA  C    sing N N 66  
GLU CA  CB   sing N N 67  
GLU CA  HA   sing N N 68  
GLU C   O    doub N N 69  
GLU C   OXT  sing N N 70  
GLU CB  CG   sing N N 71  
GLU CB  HB2  sing N N 72  
GLU CB  HB3  sing N N 73  
GLU CG  CD   sing N N 74  
GLU CG  HG2  sing N N 75  
GLU CG  HG3  sing N N 76  
GLU CD  OE1  doub N N 77  
GLU CD  OE2  sing N N 78  
GLU OE2 HE2  sing N N 79  
GLU OXT HXT  sing N N 80  
GLY N   CA   sing N N 81  
GLY N   H    sing N N 82  
GLY N   H2   sing N N 83  
GLY CA  C    sing N N 84  
GLY CA  HA2  sing N N 85  
GLY CA  HA3  sing N N 86  
GLY C   O    doub N N 87  
GLY C   OXT  sing N N 88  
GLY OXT HXT  sing N N 89  
HIS N   CA   sing N N 90  
HIS N   H    sing N N 91  
HIS N   H2   sing N N 92  
HIS CA  C    sing N N 93  
HIS CA  CB   sing N N 94  
HIS CA  HA   sing N N 95  
HIS C   O    doub N N 96  
HIS C   OXT  sing N N 97  
HIS CB  CG   sing N N 98  
HIS CB  HB2  sing N N 99  
HIS CB  HB3  sing N N 100 
HIS CG  ND1  sing Y N 101 
HIS CG  CD2  doub Y N 102 
HIS ND1 CE1  doub Y N 103 
HIS ND1 HD1  sing N N 104 
HIS CD2 NE2  sing Y N 105 
HIS CD2 HD2  sing N N 106 
HIS CE1 NE2  sing Y N 107 
HIS CE1 HE1  sing N N 108 
HIS NE2 HE2  sing N N 109 
HIS OXT HXT  sing N N 110 
HOH O   H1   sing N N 111 
HOH O   H2   sing N N 112 
ILE N   CA   sing N N 113 
ILE N   H    sing N N 114 
ILE N   H2   sing N N 115 
ILE CA  C    sing N N 116 
ILE CA  CB   sing N N 117 
ILE CA  HA   sing N N 118 
ILE C   O    doub N N 119 
ILE C   OXT  sing N N 120 
ILE CB  CG1  sing N N 121 
ILE CB  CG2  sing N N 122 
ILE CB  HB   sing N N 123 
ILE CG1 CD1  sing N N 124 
ILE CG1 HG12 sing N N 125 
ILE CG1 HG13 sing N N 126 
ILE CG2 HG21 sing N N 127 
ILE CG2 HG22 sing N N 128 
ILE CG2 HG23 sing N N 129 
ILE CD1 HD11 sing N N 130 
ILE CD1 HD12 sing N N 131 
ILE CD1 HD13 sing N N 132 
ILE OXT HXT  sing N N 133 
LEU N   CA   sing N N 134 
LEU N   H    sing N N 135 
LEU N   H2   sing N N 136 
LEU CA  C    sing N N 137 
LEU CA  CB   sing N N 138 
LEU CA  HA   sing N N 139 
LEU C   O    doub N N 140 
LEU C   OXT  sing N N 141 
LEU CB  CG   sing N N 142 
LEU CB  HB2  sing N N 143 
LEU CB  HB3  sing N N 144 
LEU CG  CD1  sing N N 145 
LEU CG  CD2  sing N N 146 
LEU CG  HG   sing N N 147 
LEU CD1 HD11 sing N N 148 
LEU CD1 HD12 sing N N 149 
LEU CD1 HD13 sing N N 150 
LEU CD2 HD21 sing N N 151 
LEU CD2 HD22 sing N N 152 
LEU CD2 HD23 sing N N 153 
LEU OXT HXT  sing N N 154 
LYS N   CA   sing N N 155 
LYS N   H    sing N N 156 
LYS N   H2   sing N N 157 
LYS CA  C    sing N N 158 
LYS CA  CB   sing N N 159 
LYS CA  HA   sing N N 160 
LYS C   O    doub N N 161 
LYS C   OXT  sing N N 162 
LYS CB  CG   sing N N 163 
LYS CB  HB2  sing N N 164 
LYS CB  HB3  sing N N 165 
LYS CG  CD   sing N N 166 
LYS CG  HG2  sing N N 167 
LYS CG  HG3  sing N N 168 
LYS CD  CE   sing N N 169 
LYS CD  HD2  sing N N 170 
LYS CD  HD3  sing N N 171 
LYS CE  NZ   sing N N 172 
LYS CE  HE2  sing N N 173 
LYS CE  HE3  sing N N 174 
LYS NZ  HZ1  sing N N 175 
LYS NZ  HZ2  sing N N 176 
LYS NZ  HZ3  sing N N 177 
LYS OXT HXT  sing N N 178 
MET N   CA   sing N N 179 
MET N   H    sing N N 180 
MET N   H2   sing N N 181 
MET CA  C    sing N N 182 
MET CA  CB   sing N N 183 
MET CA  HA   sing N N 184 
MET C   O    doub N N 185 
MET C   OXT  sing N N 186 
MET CB  CG   sing N N 187 
MET CB  HB2  sing N N 188 
MET CB  HB3  sing N N 189 
MET CG  SD   sing N N 190 
MET CG  HG2  sing N N 191 
MET CG  HG3  sing N N 192 
MET SD  CE   sing N N 193 
MET CE  HE1  sing N N 194 
MET CE  HE2  sing N N 195 
MET CE  HE3  sing N N 196 
MET OXT HXT  sing N N 197 
PHE N   CA   sing N N 198 
PHE N   H    sing N N 199 
PHE N   H2   sing N N 200 
PHE CA  C    sing N N 201 
PHE CA  CB   sing N N 202 
PHE CA  HA   sing N N 203 
PHE C   O    doub N N 204 
PHE C   OXT  sing N N 205 
PHE CB  CG   sing N N 206 
PHE CB  HB2  sing N N 207 
PHE CB  HB3  sing N N 208 
PHE CG  CD1  doub Y N 209 
PHE CG  CD2  sing Y N 210 
PHE CD1 CE1  sing Y N 211 
PHE CD1 HD1  sing N N 212 
PHE CD2 CE2  doub Y N 213 
PHE CD2 HD2  sing N N 214 
PHE CE1 CZ   doub Y N 215 
PHE CE1 HE1  sing N N 216 
PHE CE2 CZ   sing Y N 217 
PHE CE2 HE2  sing N N 218 
PHE CZ  HZ   sing N N 219 
PHE OXT HXT  sing N N 220 
PRO N   CA   sing N N 221 
PRO N   CD   sing N N 222 
PRO N   H    sing N N 223 
PRO CA  C    sing N N 224 
PRO CA  CB   sing N N 225 
PRO CA  HA   sing N N 226 
PRO C   O    doub N N 227 
PRO C   OXT  sing N N 228 
PRO CB  CG   sing N N 229 
PRO CB  HB2  sing N N 230 
PRO CB  HB3  sing N N 231 
PRO CG  CD   sing N N 232 
PRO CG  HG2  sing N N 233 
PRO CG  HG3  sing N N 234 
PRO CD  HD2  sing N N 235 
PRO CD  HD3  sing N N 236 
PRO OXT HXT  sing N N 237 
SER N   CA   sing N N 238 
SER N   H    sing N N 239 
SER N   H2   sing N N 240 
SER CA  C    sing N N 241 
SER CA  CB   sing N N 242 
SER CA  HA   sing N N 243 
SER C   O    doub N N 244 
SER C   OXT  sing N N 245 
SER CB  OG   sing N N 246 
SER CB  HB2  sing N N 247 
SER CB  HB3  sing N N 248 
SER OG  HG   sing N N 249 
SER OXT HXT  sing N N 250 
THR N   CA   sing N N 251 
THR N   H    sing N N 252 
THR N   H2   sing N N 253 
THR CA  C    sing N N 254 
THR CA  CB   sing N N 255 
THR CA  HA   sing N N 256 
THR C   O    doub N N 257 
THR C   OXT  sing N N 258 
THR CB  OG1  sing N N 259 
THR CB  CG2  sing N N 260 
THR CB  HB   sing N N 261 
THR OG1 HG1  sing N N 262 
THR CG2 HG21 sing N N 263 
THR CG2 HG22 sing N N 264 
THR CG2 HG23 sing N N 265 
THR OXT HXT  sing N N 266 
TRP N   CA   sing N N 267 
TRP N   H    sing N N 268 
TRP N   H2   sing N N 269 
TRP CA  C    sing N N 270 
TRP CA  CB   sing N N 271 
TRP CA  HA   sing N N 272 
TRP C   O    doub N N 273 
TRP C   OXT  sing N N 274 
TRP CB  CG   sing N N 275 
TRP CB  HB2  sing N N 276 
TRP CB  HB3  sing N N 277 
TRP CG  CD1  doub Y N 278 
TRP CG  CD2  sing Y N 279 
TRP CD1 NE1  sing Y N 280 
TRP CD1 HD1  sing N N 281 
TRP CD2 CE2  doub Y N 282 
TRP CD2 CE3  sing Y N 283 
TRP NE1 CE2  sing Y N 284 
TRP NE1 HE1  sing N N 285 
TRP CE2 CZ2  sing Y N 286 
TRP CE3 CZ3  doub Y N 287 
TRP CE3 HE3  sing N N 288 
TRP CZ2 CH2  doub Y N 289 
TRP CZ2 HZ2  sing N N 290 
TRP CZ3 CH2  sing Y N 291 
TRP CZ3 HZ3  sing N N 292 
TRP CH2 HH2  sing N N 293 
TRP OXT HXT  sing N N 294 
TYR N   CA   sing N N 295 
TYR N   H    sing N N 296 
TYR N   H2   sing N N 297 
TYR CA  C    sing N N 298 
TYR CA  CB   sing N N 299 
TYR CA  HA   sing N N 300 
TYR C   O    doub N N 301 
TYR C   OXT  sing N N 302 
TYR CB  CG   sing N N 303 
TYR CB  HB2  sing N N 304 
TYR CB  HB3  sing N N 305 
TYR CG  CD1  doub Y N 306 
TYR CG  CD2  sing Y N 307 
TYR CD1 CE1  sing Y N 308 
TYR CD1 HD1  sing N N 309 
TYR CD2 CE2  doub Y N 310 
TYR CD2 HD2  sing N N 311 
TYR CE1 CZ   doub Y N 312 
TYR CE1 HE1  sing N N 313 
TYR CE2 CZ   sing Y N 314 
TYR CE2 HE2  sing N N 315 
TYR CZ  OH   sing N N 316 
TYR OH  HH   sing N N 317 
TYR OXT HXT  sing N N 318 
VAL N   CA   sing N N 319 
VAL N   H    sing N N 320 
VAL N   H2   sing N N 321 
VAL CA  C    sing N N 322 
VAL CA  CB   sing N N 323 
VAL CA  HA   sing N N 324 
VAL C   O    doub N N 325 
VAL C   OXT  sing N N 326 
VAL CB  CG1  sing N N 327 
VAL CB  CG2  sing N N 328 
VAL CB  HB   sing N N 329 
VAL CG1 HG11 sing N N 330 
VAL CG1 HG12 sing N N 331 
VAL CG1 HG13 sing N N 332 
VAL CG2 HG21 sing N N 333 
VAL CG2 HG22 sing N N 334 
VAL CG2 HG23 sing N N 335 
VAL OXT HXT  sing N N 336 
# 
_atom_sites.entry_id                    1MJC 
_atom_sites.fract_transf_matrix[1][1]   -0.00212228 
_atom_sites.fract_transf_matrix[1][2]   0.02109928 
_atom_sites.fract_transf_matrix[1][3]   0.00083035 
_atom_sites.fract_transf_matrix[2][1]   -0.02477269 
_atom_sites.fract_transf_matrix[2][2]   -0.00259645 
_atom_sites.fract_transf_matrix[2][3]   0.00265986 
_atom_sites.fract_transf_matrix[3][1]   0.00354544 
_atom_sites.fract_transf_matrix[3][2]   -0.00090801 
_atom_sites.fract_transf_matrix[3][3]   0.03213425 
_atom_sites.fract_transf_vector[1]      0.580651 
_atom_sites.fract_transf_vector[2]      0.620075 
_atom_sites.fract_transf_vector[3]      0.939977 
# 
loop_
_atom_type.symbol 
C 
N 
O 
S 
# 
loop_
_atom_site.group_PDB 
_atom_site.id 
_atom_site.type_symbol 
_atom_site.label_atom_id 
_atom_site.label_alt_id 
_atom_site.label_comp_id 
_atom_site.label_asym_id 
_atom_site.label_entity_id 
_atom_site.label_seq_id 
_atom_site.pdbx_PDB_ins_code 
_atom_site.Cartn_x 
_atom_site.Cartn_y 
_atom_site.Cartn_z 
_atom_site.occupancy 
_atom_site.B_iso_or_equiv 
_atom_site.pdbx_formal_charge 
_atom_site.auth_seq_id 
_atom_site.auth_comp_id 
_atom_site.auth_asym_id 
_atom_site.auth_atom_id 
_atom_site.pdbx_PDB_model_num 
ATOM   1   N N   . SER A 1 1  ? 2.252   -13.385 9.757   1.00 47.88 ? 2   SER A N   1 
ATOM   2   C CA  . SER A 1 1  ? 1.397   -13.649 8.585   1.00 48.37 ? 2   SER A CA  1 
ATOM   3   C C   . SER A 1 1  ? 2.160   -13.650 7.269   1.00 47.44 ? 2   SER A C   1 
ATOM   4   O O   . SER A 1 1  ? 3.401   -13.583 7.211   1.00 48.92 ? 2   SER A O   1 
ATOM   5   C CB  . SER A 1 1  ? 0.297   -12.595 8.570   1.00 52.40 ? 2   SER A CB  1 
ATOM   6   O OG  . SER A 1 1  ? -0.619  -12.737 7.484   1.00 56.63 ? 2   SER A OG  1 
ATOM   7   N N   . GLY A 1 2  ? 1.432   -13.736 6.163   1.00 45.38 ? 3   GLY A N   1 
ATOM   8   C CA  . GLY A 1 2  ? 1.966   -13.722 4.808   1.00 41.73 ? 3   GLY A CA  1 
ATOM   9   C C   . GLY A 1 2  ? 1.835   -12.267 4.336   1.00 38.86 ? 3   GLY A C   1 
ATOM   10  O O   . GLY A 1 2  ? 1.378   -11.961 3.236   1.00 39.47 ? 3   GLY A O   1 
ATOM   11  N N   . LYS A 1 3  ? 2.231   -11.373 5.217   1.00 35.97 ? 4   LYS A N   1 
ATOM   12  C CA  . LYS A 1 3  ? 2.208   -9.932  4.978   1.00 32.22 ? 4   LYS A CA  1 
ATOM   13  C C   . LYS A 1 3  ? 3.632   -9.474  4.653   1.00 29.91 ? 4   LYS A C   1 
ATOM   14  O O   . LYS A 1 3  ? 4.594   -9.839  5.333   1.00 29.50 ? 4   LYS A O   1 
ATOM   15  C CB  . LYS A 1 3  ? 1.694   -9.080  6.138   1.00 29.93 ? 4   LYS A CB  1 
ATOM   16  C CG  . LYS A 1 3  ? 0.188   -9.117  6.289   1.00 31.59 ? 4   LYS A CG  1 
ATOM   17  C CD  . LYS A 1 3  ? -0.360  -8.318  7.444   1.00 31.69 ? 4   LYS A CD  1 
ATOM   18  C CE  . LYS A 1 3  ? -0.894  -6.959  7.030   1.00 33.39 ? 4   LYS A CE  1 
ATOM   19  N NZ  . LYS A 1 3  ? -1.940  -7.133  6.004   1.00 32.41 ? 4   LYS A NZ  1 
ATOM   20  N N   . MET A 1 4  ? 3.696   -8.676  3.615   1.00 28.27 ? 5   MET A N   1 
ATOM   21  C CA  . MET A 1 4  ? 4.955   -8.076  3.121   1.00 25.86 ? 5   MET A CA  1 
ATOM   22  C C   . MET A 1 4  ? 5.053   -6.702  3.792   1.00 22.98 ? 5   MET A C   1 
ATOM   23  O O   . MET A 1 4  ? 4.063   -6.115  4.238   1.00 20.63 ? 5   MET A O   1 
ATOM   24  C CB  . MET A 1 4  ? 4.880   -8.112  1.611   1.00 29.85 ? 5   MET A CB  1 
ATOM   25  C CG  . MET A 1 4  ? 5.944   -7.472  0.789   1.00 37.31 ? 5   MET A CG  1 
ATOM   26  S SD  . MET A 1 4  ? 7.628   -7.697  1.471   1.00 44.57 ? 5   MET A SD  1 
ATOM   27  C CE  . MET A 1 4  ? 7.906   -9.424  1.021   1.00 44.05 ? 5   MET A CE  1 
ATOM   28  N N   . THR A 1 5  ? 6.234   -6.176  3.903   1.00 21.95 ? 6   THR A N   1 
ATOM   29  C CA  . THR A 1 5  ? 6.420   -4.830  4.488   1.00 21.25 ? 6   THR A CA  1 
ATOM   30  C C   . THR A 1 5  ? 6.992   -4.009  3.328   1.00 17.91 ? 6   THR A C   1 
ATOM   31  O O   . THR A 1 5  ? 7.525   -4.535  2.330   1.00 17.20 ? 6   THR A O   1 
ATOM   32  C CB  . THR A 1 5  ? 7.225   -4.779  5.828   1.00 25.41 ? 6   THR A CB  1 
ATOM   33  O OG1 . THR A 1 5  ? 8.555   -5.324  5.570   1.00 27.06 ? 6   THR A OG1 1 
ATOM   34  C CG2 . THR A 1 5  ? 6.557   -5.521  6.988   1.00 27.87 ? 6   THR A CG2 1 
ATOM   35  N N   . GLY A 1 6  ? 6.869   -2.712  3.422   1.00 17.74 ? 7   GLY A N   1 
ATOM   36  C CA  . GLY A 1 6  ? 7.389   -1.819  2.367   1.00 17.28 ? 7   GLY A CA  1 
ATOM   37  C C   . GLY A 1 6  ? 7.298   -0.362  2.831   1.00 15.77 ? 7   GLY A C   1 
ATOM   38  O O   . GLY A 1 6  ? 6.981   -0.125  3.984   1.00 15.06 ? 7   GLY A O   1 
ATOM   39  N N   . ILE A 1 7  ? 7.567   0.546   1.938   1.00 14.54 ? 8   ILE A N   1 
ATOM   40  C CA  . ILE A 1 7  ? 7.524   1.989   2.186   1.00 15.36 ? 8   ILE A CA  1 
ATOM   41  C C   . ILE A 1 7  ? 6.612   2.652   1.204   1.00 14.29 ? 8   ILE A C   1 
ATOM   42  O O   . ILE A 1 7  ? 6.694   2.201   0.061   1.00 13.91 ? 8   ILE A O   1 
ATOM   43  C CB  . ILE A 1 7  ? 9.001   2.521   2.013   1.00 21.82 ? 8   ILE A CB  1 
ATOM   44  C CG1 . ILE A 1 7  ? 9.771   2.054   3.296   1.00 29.23 ? 8   ILE A CG1 1 
ATOM   45  C CG2 . ILE A 1 7  ? 9.250   4.024   1.773   1.00 22.83 ? 8   ILE A CG2 1 
ATOM   46  C CD1 . ILE A 1 7  ? 11.216  1.536   3.041   1.00 35.01 ? 8   ILE A CD1 1 
ATOM   47  N N   . VAL A 1 8  ? 5.856   3.652   1.532   1.00 14.66 ? 9   VAL A N   1 
ATOM   48  C CA  . VAL A 1 8  ? 4.995   4.364   0.550   1.00 14.08 ? 9   VAL A CA  1 
ATOM   49  C C   . VAL A 1 8  ? 5.943   5.186   -0.345  1.00 13.62 ? 9   VAL A C   1 
ATOM   50  O O   . VAL A 1 8  ? 6.720   6.049   0.128   1.00 14.45 ? 9   VAL A O   1 
ATOM   51  C CB  . VAL A 1 8  ? 3.946   5.216   1.294   1.00 12.31 ? 9   VAL A CB  1 
ATOM   52  C CG1 . VAL A 1 8  ? 3.059   6.075   0.392   1.00 13.90 ? 9   VAL A CG1 1 
ATOM   53  C CG2 . VAL A 1 8  ? 3.140   4.378   2.272   1.00 10.19 ? 9   VAL A CG2 1 
ATOM   54  N N   . LYS A 1 9  ? 5.896   4.932   -1.642  1.00 12.30 ? 10  LYS A N   1 
ATOM   55  C CA  . LYS A 1 9  ? 6.685   5.570   -2.686  1.00 10.12 ? 10  LYS A CA  1 
ATOM   56  C C   . LYS A 1 9  ? 6.025   6.921   -2.852  1.00 11.31 ? 10  LYS A C   1 
ATOM   57  O O   . LYS A 1 9  ? 6.701   7.943   -2.731  1.00 14.07 ? 10  LYS A O   1 
ATOM   58  C CB  . LYS A 1 9  ? 6.682   4.792   -3.969  1.00 10.27 ? 10  LYS A CB  1 
ATOM   59  C CG  . LYS A 1 9  ? 7.708   5.263   -4.990  1.00 11.00 ? 10  LYS A CG  1 
ATOM   60  C CD  . LYS A 1 9  ? 7.298   4.561   -6.309  1.00 10.68 ? 10  LYS A CD  1 
ATOM   61  C CE  . LYS A 1 9  ? 8.331   4.972   -7.355  1.00 12.10 ? 10  LYS A CE  1 
ATOM   62  N NZ  . LYS A 1 9  ? 7.938   4.380   -8.658  1.00 11.64 ? 10  LYS A NZ  1 
ATOM   63  N N   . TRP A 1 10 ? 4.732   6.925   -3.076  1.00 11.22 ? 11  TRP A N   1 
ATOM   64  C CA  . TRP A 1 10 ? 3.972   8.207   -3.198  1.00 11.19 ? 11  TRP A CA  1 
ATOM   65  C C   . TRP A 1 10 ? 2.512   7.902   -2.940  1.00 11.21 ? 11  TRP A C   1 
ATOM   66  O O   . TRP A 1 10 ? 2.144   6.709   -3.008  1.00 10.85 ? 11  TRP A O   1 
ATOM   67  C CB  . TRP A 1 10 ? 4.230   8.907   -4.526  1.00 11.89 ? 11  TRP A CB  1 
ATOM   68  C CG  . TRP A 1 10 ? 3.898   8.181   -5.797  1.00 12.63 ? 11  TRP A CG  1 
ATOM   69  C CD1 . TRP A 1 10 ? 4.791   7.444   -6.549  1.00 12.00 ? 11  TRP A CD1 1 
ATOM   70  C CD2 . TRP A 1 10 ? 2.623   8.098   -6.457  1.00 11.16 ? 11  TRP A CD2 1 
ATOM   71  N NE1 . TRP A 1 10 ? 4.132   6.929   -7.633  1.00 13.67 ? 11  TRP A NE1 1 
ATOM   72  C CE2 . TRP A 1 10 ? 2.810   7.302   -7.614  1.00 13.89 ? 11  TRP A CE2 1 
ATOM   73  C CE3 . TRP A 1 10 ? 1.363   8.624   -6.203  1.00 9.05  ? 11  TRP A CE3 1 
ATOM   74  C CZ2 . TRP A 1 10 ? 1.780   7.018   -8.519  1.00 12.99 ? 11  TRP A CZ2 1 
ATOM   75  C CZ3 . TRP A 1 10 ? 0.340   8.345   -7.094  1.00 13.47 ? 11  TRP A CZ3 1 
ATOM   76  C CH2 . TRP A 1 10 ? 0.542   7.556   -8.237  1.00 13.58 ? 11  TRP A CH2 1 
ATOM   77  N N   . PHE A 1 11 ? 1.705   8.918   -2.643  1.00 11.34 ? 12  PHE A N   1 
ATOM   78  C CA  . PHE A 1 11 ? 0.273   8.628   -2.425  1.00 12.65 ? 12  PHE A CA  1 
ATOM   79  C C   . PHE A 1 11 ? -0.496  9.874   -2.893  1.00 14.59 ? 12  PHE A C   1 
ATOM   80  O O   . PHE A 1 11 ? -0.140  10.879  -2.263  1.00 15.82 ? 12  PHE A O   1 
ATOM   81  C CB  . PHE A 1 11 ? -0.081  8.157   -1.009  1.00 15.26 ? 12  PHE A CB  1 
ATOM   82  C CG  . PHE A 1 11 ? -1.522  7.678   -0.918  1.00 14.60 ? 12  PHE A CG  1 
ATOM   83  C CD1 . PHE A 1 11 ? -1.808  6.335   -1.196  1.00 14.42 ? 12  PHE A CD1 1 
ATOM   84  C CD2 . PHE A 1 11 ? -2.556  8.564   -0.569  1.00 9.38  ? 12  PHE A CD2 1 
ATOM   85  C CE1 . PHE A 1 11 ? -3.163  5.923   -1.130  1.00 13.92 ? 12  PHE A CE1 1 
ATOM   86  C CE2 . PHE A 1 11 ? -3.864  8.155   -0.506  1.00 8.37  ? 12  PHE A CE2 1 
ATOM   87  C CZ  . PHE A 1 11 ? -4.173  6.851   -0.779  1.00 12.24 ? 12  PHE A CZ  1 
ATOM   88  N N   . ASN A 1 12 ? -1.400  9.789   -3.855  1.00 13.08 ? 13  ASN A N   1 
ATOM   89  C CA  . ASN A 1 12 ? -2.137  10.969  -4.306  1.00 14.71 ? 13  ASN A CA  1 
ATOM   90  C C   . ASN A 1 12 ? -3.458  10.994  -3.551  1.00 16.62 ? 13  ASN A C   1 
ATOM   91  O O   . ASN A 1 12 ? -4.356  10.297  -4.016  1.00 15.63 ? 13  ASN A O   1 
ATOM   92  C CB  . ASN A 1 12 ? -2.282  10.951  -5.824  1.00 14.20 ? 13  ASN A CB  1 
ATOM   93  C CG  . ASN A 1 12 ? -2.951  12.181  -6.373  1.00 14.75 ? 13  ASN A CG  1 
ATOM   94  O OD1 . ASN A 1 12 ? -3.685  12.945  -5.725  1.00 18.88 ? 13  ASN A OD1 1 
ATOM   95  N ND2 . ASN A 1 12 ? -2.734  12.463  -7.634  1.00 13.04 ? 13  ASN A ND2 1 
ATOM   96  N N   . ALA A 1 13 ? -3.554  11.762  -2.478  1.00 21.54 ? 14  ALA A N   1 
ATOM   97  C CA  . ALA A 1 13 ? -4.794  11.846  -1.658  1.00 24.38 ? 14  ALA A CA  1 
ATOM   98  C C   . ALA A 1 13 ? -5.997  12.385  -2.415  1.00 27.81 ? 14  ALA A C   1 
ATOM   99  O O   . ALA A 1 13 ? -7.130  12.099  -1.955  1.00 31.52 ? 14  ALA A O   1 
ATOM   100 C CB  . ALA A 1 13 ? -4.515  12.642  -0.395  1.00 27.91 ? 14  ALA A CB  1 
ATOM   101 N N   . ASP A 1 14 ? -5.847  13.071  -3.519  1.00 28.02 ? 15  ASP A N   1 
ATOM   102 C CA  . ASP A 1 14 ? -6.904  13.609  -4.357  1.00 28.52 ? 15  ASP A CA  1 
ATOM   103 C C   . ASP A 1 14 ? -7.534  12.560  -5.260  1.00 27.90 ? 15  ASP A C   1 
ATOM   104 O O   . ASP A 1 14 ? -8.692  12.708  -5.641  1.00 30.13 ? 15  ASP A O   1 
ATOM   105 C CB  . ASP A 1 14 ? -6.384  14.714  -5.298  1.00 31.04 ? 15  ASP A CB  1 
ATOM   106 C CG  . ASP A 1 14 ? -5.792  15.921  -4.625  1.00 33.18 ? 15  ASP A CG  1 
ATOM   107 O OD1 . ASP A 1 14 ? -6.484  16.374  -3.703  1.00 34.37 ? 15  ASP A OD1 1 
ATOM   108 O OD2 . ASP A 1 14 ? -4.700  16.427  -4.963  1.00 37.15 ? 15  ASP A OD2 1 
ATOM   109 N N   . LYS A 1 15 ? -6.772  11.563  -5.655  1.00 26.47 ? 16  LYS A N   1 
ATOM   110 C CA  . LYS A 1 15 ? -7.237  10.480  -6.536  1.00 23.61 ? 16  LYS A CA  1 
ATOM   111 C C   . LYS A 1 15 ? -7.516  9.230   -5.705  1.00 22.16 ? 16  LYS A C   1 
ATOM   112 O O   . LYS A 1 15 ? -8.297  8.351   -6.109  1.00 24.74 ? 16  LYS A O   1 
ATOM   113 C CB  . LYS A 1 15 ? -6.235  10.204  -7.635  1.00 26.06 ? 16  LYS A CB  1 
ATOM   114 C CG  . LYS A 1 15 ? -6.016  11.268  -8.709  1.00 31.86 ? 16  LYS A CG  1 
ATOM   115 C CD  . LYS A 1 15 ? -6.999  11.071  -9.854  1.00 37.46 ? 16  LYS A CD  1 
ATOM   116 C CE  . LYS A 1 15 ? -6.708  11.782  -11.147 1.00 41.85 ? 16  LYS A CE  1 
ATOM   117 N NZ  . LYS A 1 15 ? -5.918  10.977  -12.133 1.00 45.01 ? 16  LYS A NZ  1 
ATOM   118 N N   . GLY A 1 16 ? -6.923  9.130   -4.544  1.00 19.44 ? 17  GLY A N   1 
ATOM   119 C CA  . GLY A 1 16 ? -6.991  8.082   -3.556  1.00 18.81 ? 17  GLY A CA  1 
ATOM   120 C C   . GLY A 1 16 ? -6.186  6.826   -3.891  1.00 18.67 ? 17  GLY A C   1 
ATOM   121 O O   . GLY A 1 16 ? -6.667  5.707   -3.660  1.00 17.22 ? 17  GLY A O   1 
ATOM   122 N N   . PHE A 1 17 ? -4.986  6.976   -4.443  1.00 18.72 ? 18  PHE A N   1 
ATOM   123 C CA  . PHE A 1 17 ? -4.162  5.778   -4.784  1.00 18.63 ? 18  PHE A CA  1 
ATOM   124 C C   . PHE A 1 17 ? -2.679  6.186   -4.787  1.00 18.05 ? 18  PHE A C   1 
ATOM   125 O O   . PHE A 1 17 ? -2.404  7.401   -4.836  1.00 16.79 ? 18  PHE A O   1 
ATOM   126 C CB  . PHE A 1 17 ? -4.534  5.076   -6.079  1.00 18.13 ? 18  PHE A CB  1 
ATOM   127 C CG  . PHE A 1 17 ? -4.387  5.865   -7.350  1.00 23.36 ? 18  PHE A CG  1 
ATOM   128 C CD1 . PHE A 1 17 ? -3.147  6.126   -7.971  1.00 25.76 ? 18  PHE A CD1 1 
ATOM   129 C CD2 . PHE A 1 17 ? -5.545  6.338   -7.953  1.00 21.32 ? 18  PHE A CD2 1 
ATOM   130 C CE1 . PHE A 1 17 ? -3.017  6.848   -9.122  1.00 29.27 ? 18  PHE A CE1 1 
ATOM   131 C CE2 . PHE A 1 17 ? -5.460  7.077   -9.139  1.00 28.05 ? 18  PHE A CE2 1 
ATOM   132 C CZ  . PHE A 1 17 ? -4.196  7.336   -9.723  1.00 31.03 ? 18  PHE A CZ  1 
ATOM   133 N N   . GLY A 1 18 ? -1.848  5.146   -4.831  1.00 15.20 ? 19  GLY A N   1 
ATOM   134 C CA  . GLY A 1 18 ? -0.389  5.422   -4.869  1.00 12.66 ? 19  GLY A CA  1 
ATOM   135 C C   . GLY A 1 18 ? 0.320   4.076   -5.032  1.00 11.38 ? 19  GLY A C   1 
ATOM   136 O O   . GLY A 1 18 ? -0.332  3.124   -5.447  1.00 8.40  ? 19  GLY A O   1 
ATOM   137 N N   . PHE A 1 19 ? 1.598   4.093   -4.692  1.00 11.94 ? 20  PHE A N   1 
ATOM   138 C CA  . PHE A 1 19 ? 2.448   2.904   -4.787  1.00 12.63 ? 20  PHE A CA  1 
ATOM   139 C C   . PHE A 1 19 ? 3.259   2.736   -3.522  1.00 13.79 ? 20  PHE A C   1 
ATOM   140 O O   . PHE A 1 19 ? 3.578   3.707   -2.851  1.00 14.53 ? 20  PHE A O   1 
ATOM   141 C CB  . PHE A 1 19 ? 3.467   2.948   -5.971  1.00 8.29  ? 20  PHE A CB  1 
ATOM   142 C CG  . PHE A 1 19 ? 2.745   2.601   -7.225  1.00 10.77 ? 20  PHE A CG  1 
ATOM   143 C CD1 . PHE A 1 19 ? 2.100   3.576   -7.956  1.00 14.81 ? 20  PHE A CD1 1 
ATOM   144 C CD2 . PHE A 1 19 ? 2.672   1.293   -7.624  1.00 12.88 ? 20  PHE A CD2 1 
ATOM   145 C CE1 . PHE A 1 19 ? 1.382   3.281   -9.117  1.00 16.87 ? 20  PHE A CE1 1 
ATOM   146 C CE2 . PHE A 1 19 ? 1.958   0.929   -8.753  1.00 16.15 ? 20  PHE A CE2 1 
ATOM   147 C CZ  . PHE A 1 19 ? 1.318   1.922   -9.489  1.00 18.79 ? 20  PHE A CZ  1 
ATOM   148 N N   . ILE A 1 20 ? 3.577   1.497   -3.287  1.00 14.42 ? 21  ILE A N   1 
ATOM   149 C CA  . ILE A 1 20 ? 4.367   0.925   -2.230  1.00 14.78 ? 21  ILE A CA  1 
ATOM   150 C C   . ILE A 1 20 ? 5.565   0.214   -2.895  1.00 13.79 ? 21  ILE A C   1 
ATOM   151 O O   . ILE A 1 20 ? 5.365   -0.472  -3.877  1.00 12.95 ? 21  ILE A O   1 
ATOM   152 C CB  . ILE A 1 20 ? 3.626   -0.138  -1.316  1.00 15.11 ? 21  ILE A CB  1 
ATOM   153 C CG1 . ILE A 1 20 ? 2.321   0.502   -0.764  1.00 14.91 ? 21  ILE A CG1 1 
ATOM   154 C CG2 . ILE A 1 20 ? 4.550   -0.720  -0.228  1.00 13.72 ? 21  ILE A CG2 1 
ATOM   155 C CD1 . ILE A 1 20 ? 1.313   -0.526  -0.171  1.00 14.81 ? 21  ILE A CD1 1 
ATOM   156 N N   . THR A 1 21 ? 6.718   0.404   -2.328  1.00 15.82 ? 22  THR A N   1 
ATOM   157 C CA  . THR A 1 21 ? 7.993   -0.224  -2.722  1.00 16.44 ? 22  THR A CA  1 
ATOM   158 C C   . THR A 1 21 ? 8.186   -1.348  -1.670  1.00 15.19 ? 22  THR A C   1 
ATOM   159 O O   . THR A 1 21 ? 8.443   -1.079  -0.490  1.00 14.92 ? 22  THR A O   1 
ATOM   160 C CB  . THR A 1 21 ? 9.172   0.799   -2.802  1.00 17.92 ? 22  THR A CB  1 
ATOM   161 O OG1 . THR A 1 21 ? 8.812   1.825   -3.776  1.00 18.69 ? 22  THR A OG1 1 
ATOM   162 C CG2 . THR A 1 21 ? 10.484  0.096   -3.191  1.00 20.25 ? 22  THR A CG2 1 
ATOM   163 N N   . PRO A 1 22 ? 8.023   -2.590  -2.100  1.00 16.53 ? 23  PRO A N   1 
ATOM   164 C CA  . PRO A 1 22 ? 8.138   -3.748  -1.215  1.00 16.75 ? 23  PRO A CA  1 
ATOM   165 C C   . PRO A 1 22 ? 9.548   -3.917  -0.736  1.00 16.57 ? 23  PRO A C   1 
ATOM   166 O O   . PRO A 1 22 ? 10.435  -3.614  -1.515  1.00 18.06 ? 23  PRO A O   1 
ATOM   167 C CB  . PRO A 1 22 ? 7.645   -4.964  -2.005  1.00 15.23 ? 23  PRO A CB  1 
ATOM   168 C CG  . PRO A 1 22 ? 7.469   -4.479  -3.386  1.00 15.68 ? 23  PRO A CG  1 
ATOM   169 C CD  . PRO A 1 22 ? 7.720   -2.992  -3.493  1.00 15.01 ? 23  PRO A CD  1 
ATOM   170 N N   . ASP A 1 23 ? 9.762   -4.378  0.440   1.00 18.59 ? 24  ASP A N   1 
ATOM   171 C CA  . ASP A 1 23 ? 11.106  -4.581  0.984   1.00 19.86 ? 24  ASP A CA  1 
ATOM   172 C C   . ASP A 1 23 ? 11.827  -5.717  0.281   1.00 21.90 ? 24  ASP A C   1 
ATOM   173 O O   . ASP A 1 23 ? 13.056  -5.778  0.529   1.00 24.16 ? 24  ASP A O   1 
ATOM   174 C CB  . ASP A 1 23 ? 10.976  -4.786  2.478   1.00 20.88 ? 24  ASP A CB  1 
ATOM   175 C CG  . ASP A 1 23 ? 10.817  -3.524  3.286   1.00 23.35 ? 24  ASP A CG  1 
ATOM   176 O OD1 . ASP A 1 23 ? 11.160  -2.399  2.894   1.00 24.86 ? 24  ASP A OD1 1 
ATOM   177 O OD2 . ASP A 1 23 ? 10.328  -3.668  4.441   1.00 28.33 ? 24  ASP A OD2 1 
ATOM   178 N N   . ASP A 1 24 ? 11.210  -6.534  -0.517  1.00 20.85 ? 25  ASP A N   1 
ATOM   179 C CA  . ASP A 1 24 ? 11.945  -7.633  -1.192  1.00 23.46 ? 25  ASP A CA  1 
ATOM   180 C C   . ASP A 1 24 ? 12.533  -7.231  -2.536  1.00 23.98 ? 25  ASP A C   1 
ATOM   181 O O   . ASP A 1 24 ? 13.023  -8.109  -3.275  1.00 25.53 ? 25  ASP A O   1 
ATOM   182 C CB  . ASP A 1 24 ? 11.025  -8.845  -1.332  1.00 24.39 ? 25  ASP A CB  1 
ATOM   183 C CG  . ASP A 1 24 ? 9.815   -8.697  -2.201  1.00 27.54 ? 25  ASP A CG  1 
ATOM   184 O OD1 . ASP A 1 24 ? 9.464   -7.587  -2.648  1.00 26.21 ? 25  ASP A OD1 1 
ATOM   185 O OD2 . ASP A 1 24 ? 9.106   -9.677  -2.503  1.00 32.97 ? 25  ASP A OD2 1 
ATOM   186 N N   . GLY A 1 25 ? 12.501  -5.984  -2.930  1.00 22.66 ? 26  GLY A N   1 
ATOM   187 C CA  . GLY A 1 25 ? 13.024  -5.470  -4.194  1.00 19.84 ? 26  GLY A CA  1 
ATOM   188 C C   . GLY A 1 25 ? 12.144  -5.768  -5.372  1.00 19.67 ? 26  GLY A C   1 
ATOM   189 O O   . GLY A 1 25 ? 12.519  -5.496  -6.528  1.00 20.64 ? 26  GLY A O   1 
ATOM   190 N N   . SER A 1 26 ? 10.965  -6.328  -5.183  1.00 20.89 ? 27  SER A N   1 
ATOM   191 C CA  . SER A 1 26 ? 10.020  -6.664  -6.265  1.00 20.55 ? 27  SER A CA  1 
ATOM   192 C C   . SER A 1 26 ? 9.306   -5.381  -6.710  1.00 21.70 ? 27  SER A C   1 
ATOM   193 O O   . SER A 1 26 ? 9.367   -4.358  -6.015  1.00 22.91 ? 27  SER A O   1 
ATOM   194 C CB  . SER A 1 26 ? 9.062   -7.773  -5.868  1.00 20.06 ? 27  SER A CB  1 
ATOM   195 O OG  . SER A 1 26 ? 8.150   -7.453  -4.839  1.00 23.22 ? 27  SER A OG  1 
ATOM   196 N N   . LYS A 1 27 ? 8.650   -5.432  -7.847  1.00 21.29 ? 28  LYS A N   1 
ATOM   197 C CA  . LYS A 1 27 ? 7.885   -4.374  -8.501  1.00 22.80 ? 28  LYS A CA  1 
ATOM   198 C C   . LYS A 1 27 ? 6.981   -3.603  -7.524  1.00 21.10 ? 28  LYS A C   1 
ATOM   199 O O   . LYS A 1 27 ? 6.393   -4.209  -6.635  1.00 20.38 ? 28  LYS A O   1 
ATOM   200 C CB  . LYS A 1 27 ? 7.076   -4.995  -9.622  1.00 24.74 ? 28  LYS A CB  1 
ATOM   201 C CG  . LYS A 1 27 ? 5.846   -4.354  -10.187 1.00 31.55 ? 28  LYS A CG  1 
ATOM   202 C CD  . LYS A 1 27 ? 5.172   -5.119  -11.309 1.00 38.16 ? 28  LYS A CD  1 
ATOM   203 C CE  . LYS A 1 27 ? 4.847   -4.163  -12.455 1.00 42.09 ? 28  LYS A CE  1 
ATOM   204 N NZ  . LYS A 1 27 ? 6.110   -3.548  -12.973 1.00 45.53 ? 28  LYS A NZ  1 
ATOM   205 N N   . ASP A 1 28 ? 6.870   -2.300  -7.742  1.00 20.81 ? 29  ASP A N   1 
ATOM   206 C CA  . ASP A 1 28 ? 6.039   -1.402  -6.912  1.00 19.61 ? 29  ASP A CA  1 
ATOM   207 C C   . ASP A 1 28 ? 4.600   -1.949  -6.958  1.00 18.01 ? 29  ASP A C   1 
ATOM   208 O O   . ASP A 1 28 ? 4.155   -2.423  -8.008  1.00 19.01 ? 29  ASP A O   1 
ATOM   209 C CB  . ASP A 1 28 ? 6.060   0.069   -7.310  1.00 19.73 ? 29  ASP A CB  1 
ATOM   210 C CG  . ASP A 1 28 ? 7.396   0.726   -7.171  1.00 20.85 ? 29  ASP A CG  1 
ATOM   211 O OD1 . ASP A 1 28 ? 8.269   0.455   -6.344  1.00 23.30 ? 29  ASP A OD1 1 
ATOM   212 O OD2 . ASP A 1 28 ? 7.627   1.622   -7.985  1.00 26.28 ? 29  ASP A OD2 1 
ATOM   213 N N   . VAL A 1 29 ? 3.950   -1.834  -5.810  1.00 15.77 ? 30  VAL A N   1 
ATOM   214 C CA  . VAL A 1 29 ? 2.587   -2.327  -5.654  1.00 14.39 ? 30  VAL A CA  1 
ATOM   215 C C   . VAL A 1 29 ? 1.594   -1.187  -5.550  1.00 14.05 ? 30  VAL A C   1 
ATOM   216 O O   . VAL A 1 29 ? 1.787   -0.337  -4.675  1.00 12.43 ? 30  VAL A O   1 
ATOM   217 C CB  . VAL A 1 29 ? 2.563   -3.163  -4.360  1.00 17.79 ? 30  VAL A CB  1 
ATOM   218 C CG1 . VAL A 1 29 ? 1.222   -3.610  -3.823  1.00 16.67 ? 30  VAL A CG1 1 
ATOM   219 C CG2 . VAL A 1 29 ? 3.431   -4.436  -4.519  1.00 20.54 ? 30  VAL A CG2 1 
ATOM   220 N N   . PHE A 1 30 ? 0.582   -1.252  -6.359  1.00 14.04 ? 31  PHE A N   1 
ATOM   221 C CA  . PHE A 1 30 ? -0.515  -0.258  -6.361  1.00 14.02 ? 31  PHE A CA  1 
ATOM   222 C C   . PHE A 1 30 ? -1.271  -0.302  -5.043  1.00 14.42 ? 31  PHE A C   1 
ATOM   223 O O   . PHE A 1 30 ? -1.580  -1.437  -4.631  1.00 14.42 ? 31  PHE A O   1 
ATOM   224 C CB  . PHE A 1 30 ? -1.518  -0.530  -7.487  1.00 14.39 ? 31  PHE A CB  1 
ATOM   225 C CG  . PHE A 1 30 ? -2.717  0.352   -7.607  1.00 15.86 ? 31  PHE A CG  1 
ATOM   226 C CD1 . PHE A 1 30 ? -2.615  1.612   -8.203  1.00 19.12 ? 31  PHE A CD1 1 
ATOM   227 C CD2 . PHE A 1 30 ? -3.944  -0.071  -7.101  1.00 18.84 ? 31  PHE A CD2 1 
ATOM   228 C CE1 . PHE A 1 30 ? -3.733  2.439   -8.313  1.00 19.17 ? 31  PHE A CE1 1 
ATOM   229 C CE2 . PHE A 1 30 ? -5.075  0.762   -7.197  1.00 20.10 ? 31  PHE A CE2 1 
ATOM   230 C CZ  . PHE A 1 30 ? -4.961  2.012   -7.817  1.00 16.94 ? 31  PHE A CZ  1 
ATOM   231 N N   . VAL A 1 31 ? -1.606  0.821   -4.418  1.00 13.07 ? 32  VAL A N   1 
ATOM   232 C CA  . VAL A 1 31 ? -2.405  0.753   -3.192  1.00 11.07 ? 32  VAL A CA  1 
ATOM   233 C C   . VAL A 1 31 ? -3.611  1.694   -3.500  1.00 13.75 ? 32  VAL A C   1 
ATOM   234 O O   . VAL A 1 31 ? -3.429  2.830   -3.980  1.00 12.83 ? 32  VAL A O   1 
ATOM   235 C CB  . VAL A 1 31 ? -1.634  1.066   -1.931  1.00 12.55 ? 32  VAL A CB  1 
ATOM   236 C CG1 . VAL A 1 31 ? -0.826  2.388   -1.948  1.00 9.01  ? 32  VAL A CG1 1 
ATOM   237 C CG2 . VAL A 1 31 ? -2.538  1.123   -0.684  1.00 8.96  ? 32  VAL A CG2 1 
ATOM   238 N N   . HIS A 1 32 ? -4.810  1.238   -3.205  1.00 13.35 ? 33  HIS A N   1 
ATOM   239 C CA  . HIS A 1 32 ? -6.048  2.003   -3.375  1.00 11.40 ? 33  HIS A CA  1 
ATOM   240 C C   . HIS A 1 32 ? -6.461  2.505   -1.989  1.00 10.59 ? 33  HIS A C   1 
ATOM   241 O O   . HIS A 1 32 ? -6.193  1.732   -1.056  1.00 10.43 ? 33  HIS A O   1 
ATOM   242 C CB  . HIS A 1 32 ? -7.161  1.198   -4.008  1.00 13.53 ? 33  HIS A CB  1 
ATOM   243 C CG  . HIS A 1 32 ? -8.325  2.060   -4.446  1.00 14.74 ? 33  HIS A CG  1 
ATOM   244 N ND1 . HIS A 1 32 ? -9.453  2.206   -3.675  1.00 14.98 ? 33  HIS A ND1 1 
ATOM   245 C CD2 . HIS A 1 32 ? -8.505  2.783   -5.566  1.00 15.25 ? 33  HIS A CD2 1 
ATOM   246 C CE1 . HIS A 1 32 ? -10.288 2.981   -4.365  1.00 12.45 ? 33  HIS A CE1 1 
ATOM   247 N NE2 . HIS A 1 32 ? -9.759  3.332   -5.491  1.00 17.57 ? 33  HIS A NE2 1 
ATOM   248 N N   . PHE A 1 33 ? -7.061  3.676   -1.798  1.00 10.13 ? 34  PHE A N   1 
ATOM   249 C CA  . PHE A 1 33 ? -7.399  4.104   -0.436  1.00 11.64 ? 34  PHE A CA  1 
ATOM   250 C C   . PHE A 1 33 ? -8.261  3.053   0.273   1.00 14.64 ? 34  PHE A C   1 
ATOM   251 O O   . PHE A 1 33 ? -8.161  2.898   1.505   1.00 15.65 ? 34  PHE A O   1 
ATOM   252 C CB  . PHE A 1 33 ? -8.045  5.532   -0.418  1.00 16.18 ? 34  PHE A CB  1 
ATOM   253 C CG  . PHE A 1 33 ? -9.486  5.560   -0.802  1.00 14.06 ? 34  PHE A CG  1 
ATOM   254 C CD1 . PHE A 1 33 ? -10.501 5.347   0.137   1.00 18.02 ? 34  PHE A CD1 1 
ATOM   255 C CD2 . PHE A 1 33 ? -9.829  5.746   -2.126  1.00 16.74 ? 34  PHE A CD2 1 
ATOM   256 C CE1 . PHE A 1 33 ? -11.829 5.274   -0.190  1.00 22.24 ? 34  PHE A CE1 1 
ATOM   257 C CE2 . PHE A 1 33 ? -11.195 5.714   -2.464  1.00 21.21 ? 34  PHE A CE2 1 
ATOM   258 C CZ  . PHE A 1 33 ? -12.198 5.477   -1.516  1.00 19.57 ? 34  PHE A CZ  1 
ATOM   259 N N   . SER A 1 34 ? -9.142  2.388   -0.481  1.00 17.30 ? 35  SER A N   1 
ATOM   260 C CA  . SER A 1 34 ? -10.065 1.399   0.099   1.00 19.08 ? 35  SER A CA  1 
ATOM   261 C C   . SER A 1 34 ? -9.331  0.207   0.682   1.00 22.10 ? 35  SER A C   1 
ATOM   262 O O   . SER A 1 34 ? -10.067 -0.469  1.449   1.00 25.77 ? 35  SER A O   1 
ATOM   263 C CB  . SER A 1 34 ? -11.155 0.972   -0.859  1.00 14.78 ? 35  SER A CB  1 
ATOM   264 O OG  . SER A 1 34 ? -10.537 0.377   -1.973  1.00 19.12 ? 35  SER A OG  1 
ATOM   265 N N   . ALA A 1 35 ? -8.073  -0.069  0.446   1.00 20.34 ? 36  ALA A N   1 
ATOM   266 C CA  . ALA A 1 35 ? -7.297  -1.151  0.991   1.00 19.09 ? 36  ALA A CA  1 
ATOM   267 C C   . ALA A 1 35 ? -6.709  -0.787  2.348   1.00 21.50 ? 36  ALA A C   1 
ATOM   268 O O   . ALA A 1 35 ? -6.188  -1.723  2.964   1.00 23.03 ? 36  ALA A O   1 
ATOM   269 C CB  . ALA A 1 35 ? -6.109  -1.462  0.066   1.00 16.55 ? 36  ALA A CB  1 
ATOM   270 N N   . ILE A 1 36 ? -6.729  0.443   2.825   1.00 22.69 ? 37  ILE A N   1 
ATOM   271 C CA  . ILE A 1 36 ? -6.172  0.892   4.074   1.00 26.95 ? 37  ILE A CA  1 
ATOM   272 C C   . ILE A 1 36 ? -7.132  0.703   5.264   1.00 33.67 ? 37  ILE A C   1 
ATOM   273 O O   . ILE A 1 36 ? -8.333  1.006   5.177   1.00 30.79 ? 37  ILE A O   1 
ATOM   274 C CB  . ILE A 1 36 ? -5.760  2.416   4.070   1.00 24.41 ? 37  ILE A CB  1 
ATOM   275 C CG1 . ILE A 1 36 ? -4.761  2.681   2.913   1.00 23.80 ? 37  ILE A CG1 1 
ATOM   276 C CG2 . ILE A 1 36 ? -5.181  3.021   5.380   1.00 19.82 ? 37  ILE A CG2 1 
ATOM   277 C CD1 . ILE A 1 36 ? -4.897  4.127   2.324   1.00 29.30 ? 37  ILE A CD1 1 
ATOM   278 N N   . GLN A 1 37 ? -6.456  0.237   6.308   1.00 41.36 ? 38  GLN A N   1 
ATOM   279 C CA  . GLN A 1 37 ? -7.115  0.002   7.616   1.00 52.10 ? 38  GLN A CA  1 
ATOM   280 C C   . GLN A 1 37 ? -7.414  1.432   8.140   1.00 58.65 ? 38  GLN A C   1 
ATOM   281 O O   . GLN A 1 37 ? -6.700  2.211   8.782   1.00 59.06 ? 38  GLN A O   1 
ATOM   282 C CB  . GLN A 1 37 ? -6.301  -0.877  8.525   1.00 54.00 ? 38  GLN A CB  1 
ATOM   283 C CG  . GLN A 1 37 ? -6.699  -2.292  8.726   1.00 58.67 ? 38  GLN A CG  1 
ATOM   284 C CD  . GLN A 1 37 ? -6.709  -3.399  7.723   1.00 60.44 ? 38  GLN A CD  1 
ATOM   285 O OE1 . GLN A 1 37 ? -6.026  -4.421  7.931   1.00 60.06 ? 38  GLN A OE1 1 
ATOM   286 N NE2 . GLN A 1 37 ? -7.496  -3.271  6.644   1.00 59.95 ? 38  GLN A NE2 1 
ATOM   287 N N   . ASN A 1 38 ? -8.621  1.803   7.773   1.00 64.76 ? 39  ASN A N   1 
ATOM   288 C CA  . ASN A 1 38 ? -9.435  2.999   7.923   1.00 70.39 ? 39  ASN A CA  1 
ATOM   289 C C   . ASN A 1 38 ? -9.341  3.713   9.255   1.00 73.47 ? 39  ASN A C   1 
ATOM   290 O O   . ASN A 1 38 ? -8.589  4.726   9.239   1.00 74.38 ? 39  ASN A O   1 
ATOM   291 C CB  . ASN A 1 38 ? -10.839 2.610   7.416   1.00 74.32 ? 39  ASN A CB  1 
ATOM   292 C CG  . ASN A 1 38 ? -12.099 3.136   8.045   1.00 77.40 ? 39  ASN A CG  1 
ATOM   293 O OD1 . ASN A 1 38 ? -12.440 2.662   9.162   1.00 78.82 ? 39  ASN A OD1 1 
ATOM   294 N ND2 . ASN A 1 38 ? -12.814 4.077   7.449   1.00 78.98 ? 39  ASN A ND2 1 
ATOM   295 N N   . ASP A 1 39 ? -9.991  3.388   10.344  1.00 75.92 ? 40  ASP A N   1 
ATOM   296 C CA  . ASP A 1 39 ? -9.983  4.037   11.662  1.00 77.50 ? 40  ASP A CA  1 
ATOM   297 C C   . ASP A 1 39 ? -9.950  5.563   11.551  1.00 77.79 ? 40  ASP A C   1 
ATOM   298 O O   . ASP A 1 39 ? -9.324  6.270   12.378  1.00 78.45 ? 40  ASP A O   1 
ATOM   299 C CB  . ASP A 1 39 ? -8.838  3.452   12.500  1.00 81.46 ? 40  ASP A CB  1 
ATOM   300 C CG  . ASP A 1 39 ? -7.422  3.770   12.069  1.00 84.61 ? 40  ASP A CG  1 
ATOM   301 O OD1 . ASP A 1 39 ? -6.902  4.811   12.545  1.00 86.68 ? 40  ASP A OD1 1 
ATOM   302 O OD2 . ASP A 1 39 ? -6.779  3.059   11.277  1.00 85.88 ? 40  ASP A OD2 1 
ATOM   303 N N   . GLY A 1 40 ? -10.629 6.100   10.536  1.00 77.17 ? 41  GLY A N   1 
ATOM   304 C CA  . GLY A 1 40 ? -10.636 7.552   10.311  1.00 75.94 ? 41  GLY A CA  1 
ATOM   305 C C   . GLY A 1 40 ? -9.198  8.006   9.966   1.00 74.88 ? 41  GLY A C   1 
ATOM   306 O O   . GLY A 1 40 ? -8.568  8.863   10.630  1.00 75.19 ? 41  GLY A O   1 
ATOM   307 N N   . TYR A 1 41 ? -8.687  7.393   8.908   1.00 72.50 ? 42  TYR A N   1 
ATOM   308 C CA  . TYR A 1 41 ? -7.353  7.671   8.365   1.00 69.10 ? 42  TYR A CA  1 
ATOM   309 C C   . TYR A 1 41 ? -7.457  7.488   6.848   1.00 64.74 ? 42  TYR A C   1 
ATOM   310 O O   . TYR A 1 41 ? -7.724  8.486   6.146   1.00 65.07 ? 42  TYR A O   1 
ATOM   311 C CB  . TYR A 1 41 ? -6.178  6.928   8.982   1.00 77.06 ? 42  TYR A CB  1 
ATOM   312 C CG  . TYR A 1 41 ? -4.802  7.291   8.453   1.00 83.82 ? 42  TYR A CG  1 
ATOM   313 C CD1 . TYR A 1 41 ? -4.366  8.600   8.192   1.00 86.14 ? 42  TYR A CD1 1 
ATOM   314 C CD2 . TYR A 1 41 ? -3.886  6.251   8.227   1.00 86.11 ? 42  TYR A CD2 1 
ATOM   315 C CE1 . TYR A 1 41 ? -3.097  8.865   7.710   1.00 89.06 ? 42  TYR A CE1 1 
ATOM   316 C CE2 . TYR A 1 41 ? -2.596  6.497   7.777   1.00 88.00 ? 42  TYR A CE2 1 
ATOM   317 C CZ  . TYR A 1 41 ? -2.195  7.817   7.535   1.00 89.58 ? 42  TYR A CZ  1 
ATOM   318 O OH  . TYR A 1 41 ? -0.934  8.010   7.022   1.00 88.97 ? 42  TYR A OH  1 
ATOM   319 N N   . LYS A 1 42 ? -7.285  6.302   6.344   1.00 59.85 ? 43  LYS A N   1 
ATOM   320 C CA  . LYS A 1 42 ? -7.403  6.072   4.887   1.00 56.32 ? 43  LYS A CA  1 
ATOM   321 C C   . LYS A 1 42 ? -6.585  7.005   3.991   1.00 51.33 ? 43  LYS A C   1 
ATOM   322 O O   . LYS A 1 42 ? -6.956  7.350   2.842   1.00 51.54 ? 43  LYS A O   1 
ATOM   323 C CB  . LYS A 1 42 ? -8.883  6.093   4.482   1.00 60.14 ? 43  LYS A CB  1 
ATOM   324 C CG  . LYS A 1 42 ? -9.940  5.337   5.255   1.00 63.76 ? 43  LYS A CG  1 
ATOM   325 C CD  . LYS A 1 42 ? -10.482 6.020   6.479   1.00 70.17 ? 43  LYS A CD  1 
ATOM   326 C CE  . LYS A 1 42 ? -10.965 7.433   6.580   1.00 72.72 ? 43  LYS A CE  1 
ATOM   327 N NZ  . LYS A 1 42 ? -12.327 7.642   6.021   1.00 75.29 ? 43  LYS A NZ  1 
ATOM   328 N N   . SER A 1 43 ? -5.425  7.446   4.440   1.00 45.70 ? 44  SER A N   1 
ATOM   329 C CA  . SER A 1 43 ? -4.489  8.327   3.703   1.00 38.92 ? 44  SER A CA  1 
ATOM   330 C C   . SER A 1 43 ? -3.071  7.807   3.940   1.00 34.86 ? 44  SER A C   1 
ATOM   331 O O   . SER A 1 43 ? -2.956  6.944   4.794   1.00 34.91 ? 44  SER A O   1 
ATOM   332 C CB  . SER A 1 43 ? -4.595  9.773   4.102   1.00 38.15 ? 44  SER A CB  1 
ATOM   333 O OG  . SER A 1 43 ? -4.249  10.607  3.022   1.00 37.82 ? 44  SER A OG  1 
ATOM   334 N N   . LEU A 1 44 ? -1.984  8.143   3.311   1.00 28.49 ? 45  LEU A N   1 
ATOM   335 C CA  . LEU A 1 44 ? -0.671  7.600   3.567   1.00 22.18 ? 45  LEU A CA  1 
ATOM   336 C C   . LEU A 1 44 ? 0.307   8.691   3.137   1.00 17.15 ? 45  LEU A C   1 
ATOM   337 O O   . LEU A 1 44 ? -0.056  9.398   2.200   1.00 15.28 ? 45  LEU A O   1 
ATOM   338 C CB  . LEU A 1 44 ? -0.374  6.325   2.754   1.00 19.75 ? 45  LEU A CB  1 
ATOM   339 C CG  . LEU A 1 44 ? -1.157  5.055   2.986   1.00 20.47 ? 45  LEU A CG  1 
ATOM   340 C CD1 . LEU A 1 44 ? -0.869  3.996   1.922   1.00 20.31 ? 45  LEU A CD1 1 
ATOM   341 C CD2 . LEU A 1 44 ? -0.816  4.524   4.395   1.00 19.67 ? 45  LEU A CD2 1 
ATOM   342 N N   . ASP A 1 45 ? 1.402   8.677   3.828   1.00 14.96 ? 46  ASP A N   1 
ATOM   343 C CA  . ASP A 1 45 ? 2.449   9.642   3.523   1.00 17.07 ? 46  ASP A CA  1 
ATOM   344 C C   . ASP A 1 45 ? 3.651   8.938   2.893   1.00 17.18 ? 46  ASP A C   1 
ATOM   345 O O   . ASP A 1 45 ? 4.002   7.811   3.285   1.00 14.99 ? 46  ASP A O   1 
ATOM   346 C CB  . ASP A 1 45 ? 2.990   10.414  4.749   1.00 19.78 ? 46  ASP A CB  1 
ATOM   347 C CG  . ASP A 1 45 ? 1.970   11.223  5.524   1.00 21.78 ? 46  ASP A CG  1 
ATOM   348 O OD1 . ASP A 1 45 ? 1.009   11.672  4.869   1.00 21.97 ? 46  ASP A OD1 1 
ATOM   349 O OD2 . ASP A 1 45 ? 2.069   11.433  6.732   1.00 21.46 ? 46  ASP A OD2 1 
ATOM   350 N N   . GLU A 1 46 ? 4.233   9.720   1.995   1.00 15.45 ? 47  GLU A N   1 
ATOM   351 C CA  . GLU A 1 46 ? 5.432   9.257   1.320   1.00 15.92 ? 47  GLU A CA  1 
ATOM   352 C C   . GLU A 1 46 ? 6.499   8.929   2.377   1.00 16.49 ? 47  GLU A C   1 
ATOM   353 O O   . GLU A 1 46 ? 6.831   9.757   3.267   1.00 17.85 ? 47  GLU A O   1 
ATOM   354 C CB  . GLU A 1 46 ? 5.888   10.334  0.320   1.00 16.01 ? 47  GLU A CB  1 
ATOM   355 C CG  . GLU A 1 46 ? 7.219   10.052  -0.348  1.00 25.82 ? 47  GLU A CG  1 
ATOM   356 C CD  . GLU A 1 46 ? 7.525   10.918  -1.535  1.00 36.03 ? 47  GLU A CD  1 
ATOM   357 O OE1 . GLU A 1 46 ? 6.712   11.211  -2.408  1.00 42.41 ? 47  GLU A OE1 1 
ATOM   358 O OE2 . GLU A 1 46 ? 8.730   11.246  -1.458  1.00 37.46 ? 47  GLU A OE2 1 
ATOM   359 N N   . GLY A 1 47 ? 7.063   7.730   2.294   1.00 14.71 ? 48  GLY A N   1 
ATOM   360 C CA  . GLY A 1 47 ? 8.086   7.344   3.236   1.00 14.67 ? 48  GLY A CA  1 
ATOM   361 C C   . GLY A 1 47 ? 7.639   6.540   4.430   1.00 16.01 ? 48  GLY A C   1 
ATOM   362 O O   . GLY A 1 47 ? 8.542   6.076   5.156   1.00 16.98 ? 48  GLY A O   1 
ATOM   363 N N   . GLN A 1 48 ? 6.357   6.377   4.617   1.00 16.60 ? 49  GLN A N   1 
ATOM   364 C CA  . GLN A 1 48 ? 5.750   5.601   5.708   1.00 17.55 ? 49  GLN A CA  1 
ATOM   365 C C   . GLN A 1 48 ? 5.998   4.092   5.577   1.00 17.68 ? 49  GLN A C   1 
ATOM   366 O O   . GLN A 1 48 ? 5.872   3.603   4.453   1.00 17.89 ? 49  GLN A O   1 
ATOM   367 C CB  . GLN A 1 48 ? 4.217   5.689   5.704   1.00 15.58 ? 49  GLN A CB  1 
ATOM   368 C CG  . GLN A 1 48 ? 3.667   6.313   6.905   1.00 21.24 ? 49  GLN A CG  1 
ATOM   369 C CD  . GLN A 1 48 ? 2.173   6.532   6.904   1.00 21.34 ? 49  GLN A CD  1 
ATOM   370 O OE1 . GLN A 1 48 ? 1.582   7.098   6.003   1.00 19.10 ? 49  GLN A OE1 1 
ATOM   371 N NE2 . GLN A 1 48 ? 1.653   6.038   8.015   1.00 21.66 ? 49  GLN A NE2 1 
ATOM   372 N N   . LYS A 1 49 ? 6.316   3.420   6.653   1.00 17.80 ? 50  LYS A N   1 
ATOM   373 C CA  . LYS A 1 49 ? 6.547   1.953   6.610   1.00 19.05 ? 50  LYS A CA  1 
ATOM   374 C C   . LYS A 1 49 ? 5.157   1.357   6.661   1.00 17.28 ? 50  LYS A C   1 
ATOM   375 O O   . LYS A 1 49 ? 4.315   1.844   7.431   1.00 18.07 ? 50  LYS A O   1 
ATOM   376 C CB  . LYS A 1 49 ? 7.477   1.549   7.711   1.00 25.91 ? 50  LYS A CB  1 
ATOM   377 C CG  . LYS A 1 49 ? 8.283   0.277   7.667   1.00 34.38 ? 50  LYS A CG  1 
ATOM   378 C CD  . LYS A 1 49 ? 9.688   0.402   8.243   1.00 39.86 ? 50  LYS A CD  1 
ATOM   379 C CE  . LYS A 1 49 ? 9.796   0.669   9.726   1.00 43.38 ? 50  LYS A CE  1 
ATOM   380 N NZ  . LYS A 1 49 ? 11.167  0.586   10.302  1.00 44.63 ? 50  LYS A NZ  1 
ATOM   381 N N   . VAL A 1 50 ? 4.789   0.379   5.888   1.00 16.28 ? 51  VAL A N   1 
ATOM   382 C CA  . VAL A 1 50 ? 3.468   -0.229  5.874   1.00 16.30 ? 51  VAL A CA  1 
ATOM   383 C C   . VAL A 1 50 ? 3.660   -1.737  5.748   1.00 18.83 ? 51  VAL A C   1 
ATOM   384 O O   . VAL A 1 50 ? 4.753   -2.227  5.403   1.00 21.03 ? 51  VAL A O   1 
ATOM   385 C CB  . VAL A 1 50 ? 2.603   0.330   4.725   1.00 17.74 ? 51  VAL A CB  1 
ATOM   386 C CG1 . VAL A 1 50 ? 2.137   1.786   4.920   1.00 16.04 ? 51  VAL A CG1 1 
ATOM   387 C CG2 . VAL A 1 50 ? 3.240   0.204   3.344   1.00 11.02 ? 51  VAL A CG2 1 
ATOM   388 N N   . SER A 1 51 ? 2.588   -2.428  6.025   1.00 19.63 ? 52  SER A N   1 
ATOM   389 C CA  . SER A 1 51 ? 2.508   -3.905  5.942   1.00 21.54 ? 52  SER A CA  1 
ATOM   390 C C   . SER A 1 51 ? 1.189   -4.057  5.194   1.00 20.15 ? 52  SER A C   1 
ATOM   391 O O   . SER A 1 51 ? 0.201   -3.324  5.314   1.00 20.29 ? 52  SER A O   1 
ATOM   392 C CB  . SER A 1 51 ? 2.758   -4.656  7.210   1.00 27.13 ? 52  SER A CB  1 
ATOM   393 O OG  . SER A 1 51 ? 1.792   -4.693  8.206   1.00 32.13 ? 52  SER A OG  1 
ATOM   394 N N   . PHE A 1 52 ? 1.214   -5.061  4.347   1.00 20.93 ? 53  PHE A N   1 
ATOM   395 C CA  . PHE A 1 52 ? 0.120   -5.375  3.429   1.00 20.88 ? 53  PHE A CA  1 
ATOM   396 C C   . PHE A 1 52 ? 0.196   -6.767  2.880   1.00 22.37 ? 53  PHE A C   1 
ATOM   397 O O   . PHE A 1 52 ? 1.265   -7.360  3.073   1.00 24.66 ? 53  PHE A O   1 
ATOM   398 C CB  . PHE A 1 52 ? 0.308   -4.410  2.218   1.00 20.15 ? 53  PHE A CB  1 
ATOM   399 C CG  . PHE A 1 52 ? 1.653   -4.391  1.530   1.00 19.41 ? 53  PHE A CG  1 
ATOM   400 C CD1 . PHE A 1 52 ? 2.809   -3.759  2.019   1.00 19.58 ? 53  PHE A CD1 1 
ATOM   401 C CD2 . PHE A 1 52 ? 1.785   -5.053  0.291   1.00 21.37 ? 53  PHE A CD2 1 
ATOM   402 C CE1 . PHE A 1 52 ? 4.021   -3.798  1.341   1.00 16.81 ? 53  PHE A CE1 1 
ATOM   403 C CE2 . PHE A 1 52 ? 2.964   -5.114  -0.418  1.00 17.22 ? 53  PHE A CE2 1 
ATOM   404 C CZ  . PHE A 1 52 ? 4.079   -4.471  0.112   1.00 19.12 ? 53  PHE A CZ  1 
ATOM   405 N N   . THR A 1 53 ? -0.819  -7.213  2.214   1.00 22.64 ? 54  THR A N   1 
ATOM   406 C CA  . THR A 1 53 ? -0.775  -8.547  1.588   1.00 23.45 ? 54  THR A CA  1 
ATOM   407 C C   . THR A 1 53 ? -0.747  -8.234  0.109   1.00 25.36 ? 54  THR A C   1 
ATOM   408 O O   . THR A 1 53 ? -1.239  -7.147  -0.279  1.00 25.74 ? 54  THR A O   1 
ATOM   409 C CB  . THR A 1 53 ? -1.980  -9.455  1.983   1.00 24.43 ? 54  THR A CB  1 
ATOM   410 O OG1 . THR A 1 53 ? -3.199  -8.712  1.658   1.00 23.71 ? 54  THR A OG1 1 
ATOM   411 C CG2 . THR A 1 53 ? -1.899  -9.831  3.453   1.00 25.02 ? 54  THR A CG2 1 
ATOM   412 N N   . ILE A 1 54 ? -0.209  -9.093  -0.712  1.00 28.01 ? 55  ILE A N   1 
ATOM   413 C CA  . ILE A 1 54 ? -0.165  -8.868  -2.175  1.00 32.03 ? 55  ILE A CA  1 
ATOM   414 C C   . ILE A 1 54 ? -1.408  -9.637  -2.669  1.00 35.59 ? 55  ILE A C   1 
ATOM   415 O O   . ILE A 1 54 ? -1.659  -10.815 -2.372  1.00 35.20 ? 55  ILE A O   1 
ATOM   416 C CB  . ILE A 1 54 ? 1.143   -9.252  -2.911  1.00 35.69 ? 55  ILE A CB  1 
ATOM   417 C CG1 . ILE A 1 54 ? 2.262   -8.241  -2.492  1.00 38.69 ? 55  ILE A CG1 1 
ATOM   418 C CG2 . ILE A 1 54 ? 1.030   -9.337  -4.462  1.00 35.48 ? 55  ILE A CG2 1 
ATOM   419 C CD1 . ILE A 1 54 ? 3.649   -8.953  -2.276  1.00 41.05 ? 55  ILE A CD1 1 
ATOM   420 N N   . GLU A 1 55 ? -2.137  -8.870  -3.452  1.00 36.95 ? 56  GLU A N   1 
ATOM   421 C CA  . GLU A 1 55 ? -3.377  -9.389  -3.990  1.00 40.09 ? 56  GLU A CA  1 
ATOM   422 C C   . GLU A 1 55 ? -3.448  -9.221  -5.484  1.00 42.21 ? 56  GLU A C   1 
ATOM   423 O O   . GLU A 1 55 ? -2.669  -8.555  -6.158  1.00 40.80 ? 56  GLU A O   1 
ATOM   424 C CB  . GLU A 1 55 ? -4.547  -8.657  -3.316  1.00 45.92 ? 56  GLU A CB  1 
ATOM   425 C CG  . GLU A 1 55 ? -4.420  -8.331  -1.828  1.00 50.38 ? 56  GLU A CG  1 
ATOM   426 C CD  . GLU A 1 55 ? -4.910  -9.385  -0.891  1.00 54.62 ? 56  GLU A CD  1 
ATOM   427 O OE1 . GLU A 1 55 ? -4.522  -10.510 -0.650  1.00 53.87 ? 56  GLU A OE1 1 
ATOM   428 O OE2 . GLU A 1 55 ? -5.898  -8.854  -0.314  1.00 61.29 ? 56  GLU A OE2 1 
ATOM   429 N N   . SER A 1 56 ? -4.462  -9.915  -5.931  1.00 46.35 ? 57  SER A N   1 
ATOM   430 C CA  . SER A 1 56 ? -4.962  -10.057 -7.285  1.00 51.14 ? 57  SER A CA  1 
ATOM   431 C C   . SER A 1 56 ? -5.444  -8.646  -7.642  1.00 53.00 ? 57  SER A C   1 
ATOM   432 O O   . SER A 1 56 ? -6.444  -8.143  -7.079  1.00 52.63 ? 57  SER A O   1 
ATOM   433 C CB  . SER A 1 56 ? -6.119  -11.052 -7.348  1.00 55.39 ? 57  SER A CB  1 
ATOM   434 O OG  . SER A 1 56 ? -6.162  -11.968 -6.253  1.00 58.15 ? 57  SER A OG  1 
ATOM   435 N N   . GLY A 1 57 ? -4.701  -8.036  -8.547  1.00 54.99 ? 58  GLY A N   1 
ATOM   436 C CA  . GLY A 1 57 ? -5.093  -6.665  -8.942  1.00 56.82 ? 58  GLY A CA  1 
ATOM   437 C C   . GLY A 1 57 ? -5.507  -6.635  -10.413 1.00 57.46 ? 58  GLY A C   1 
ATOM   438 O O   . GLY A 1 57 ? -5.073  -7.414  -11.266 1.00 57.46 ? 58  GLY A O   1 
ATOM   439 N N   . ALA A 1 58 ? -6.374  -5.664  -10.639 1.00 57.82 ? 59  ALA A N   1 
ATOM   440 C CA  . ALA A 1 58 ? -6.969  -5.354  -11.931 1.00 57.35 ? 59  ALA A CA  1 
ATOM   441 C C   . ALA A 1 58 ? -5.950  -5.052  -13.026 1.00 56.85 ? 59  ALA A C   1 
ATOM   442 O O   . ALA A 1 58 ? -6.287  -5.322  -14.195 1.00 57.40 ? 59  ALA A O   1 
ATOM   443 C CB  . ALA A 1 58 ? -7.871  -4.155  -11.696 1.00 58.82 ? 59  ALA A CB  1 
ATOM   444 N N   . LYS A 1 59 ? -4.793  -4.525  -12.675 1.00 55.77 ? 60  LYS A N   1 
ATOM   445 C CA  . LYS A 1 59 ? -3.754  -4.208  -13.660 1.00 54.92 ? 60  LYS A CA  1 
ATOM   446 C C   . LYS A 1 59 ? -2.343  -4.633  -13.255 1.00 52.61 ? 60  LYS A C   1 
ATOM   447 O O   . LYS A 1 59 ? -1.412  -4.509  -14.077 1.00 54.01 ? 60  LYS A O   1 
ATOM   448 C CB  . LYS A 1 59 ? -3.728  -2.716  -13.971 1.00 62.49 ? 60  LYS A CB  1 
ATOM   449 C CG  . LYS A 1 59 ? -4.920  -2.127  -14.717 1.00 68.75 ? 60  LYS A CG  1 
ATOM   450 C CD  . LYS A 1 59 ? -4.631  -0.752  -15.305 1.00 72.44 ? 60  LYS A CD  1 
ATOM   451 C CE  . LYS A 1 59 ? -4.510  -0.721  -16.820 1.00 74.72 ? 60  LYS A CE  1 
ATOM   452 N NZ  . LYS A 1 59 ? -4.098  0.625   -17.313 1.00 74.10 ? 60  LYS A NZ  1 
ATOM   453 N N   . GLY A 1 60 ? -2.104  -5.115  -12.059 1.00 48.55 ? 61  GLY A N   1 
ATOM   454 C CA  . GLY A 1 60 ? -0.778  -5.557  -11.580 1.00 42.31 ? 61  GLY A CA  1 
ATOM   455 C C   . GLY A 1 60 ? -0.969  -5.944  -10.106 1.00 38.49 ? 61  GLY A C   1 
ATOM   456 O O   . GLY A 1 60 ? -2.098  -6.066  -9.605  1.00 38.80 ? 61  GLY A O   1 
ATOM   457 N N   . PRO A 1 61 ? 0.140   -6.131  -9.415  1.00 35.39 ? 62  PRO A N   1 
ATOM   458 C CA  . PRO A 1 61 ? 0.100   -6.499  -7.997  1.00 32.08 ? 62  PRO A CA  1 
ATOM   459 C C   . PRO A 1 61 ? -0.510  -5.348  -7.216  1.00 30.16 ? 62  PRO A C   1 
ATOM   460 O O   . PRO A 1 61 ? -0.098  -4.201  -7.477  1.00 28.86 ? 62  PRO A O   1 
ATOM   461 C CB  . PRO A 1 61 ? 1.557   -6.762  -7.639  1.00 33.53 ? 62  PRO A CB  1 
ATOM   462 C CG  . PRO A 1 61 ? 2.354   -6.007  -8.657  1.00 34.61 ? 62  PRO A CG  1 
ATOM   463 C CD  . PRO A 1 61 ? 1.514   -6.009  -9.938  1.00 34.73 ? 62  PRO A CD  1 
ATOM   464 N N   . ALA A 1 62 ? -1.414  -5.633  -6.312  1.00 27.56 ? 63  ALA A N   1 
ATOM   465 C CA  . ALA A 1 62 ? -2.117  -4.698  -5.455  1.00 24.22 ? 63  ALA A CA  1 
ATOM   466 C C   . ALA A 1 62 ? -1.940  -5.044  -3.984  1.00 23.55 ? 63  ALA A C   1 
ATOM   467 O O   . ALA A 1 62 ? -1.784  -6.224  -3.621  1.00 25.12 ? 63  ALA A O   1 
ATOM   468 C CB  . ALA A 1 62 ? -3.605  -4.745  -5.717  1.00 23.82 ? 63  ALA A CB  1 
ATOM   469 N N   . ALA A 1 63 ? -1.971  -4.027  -3.162  1.00 20.41 ? 64  ALA A N   1 
ATOM   470 C CA  . ALA A 1 63 ? -1.815  -4.181  -1.721  1.00 20.39 ? 64  ALA A CA  1 
ATOM   471 C C   . ALA A 1 63 ? -3.197  -4.336  -1.117  1.00 20.39 ? 64  ALA A C   1 
ATOM   472 O O   . ALA A 1 63 ? -4.091  -3.589  -1.541  1.00 21.12 ? 64  ALA A O   1 
ATOM   473 C CB  . ALA A 1 63 ? -1.115  -2.991  -1.073  1.00 18.37 ? 64  ALA A CB  1 
ATOM   474 N N   . GLY A 1 64 ? -3.331  -5.249  -0.190  1.00 20.62 ? 65  GLY A N   1 
ATOM   475 C CA  . GLY A 1 64 ? -4.600  -5.490  0.524   1.00 17.98 ? 65  GLY A CA  1 
ATOM   476 C C   . GLY A 1 64 ? -4.179  -5.402  1.997   1.00 18.90 ? 65  GLY A C   1 
ATOM   477 O O   . GLY A 1 64 ? -2.990  -5.556  2.328   1.00 17.47 ? 65  GLY A O   1 
ATOM   478 N N   . ASN A 1 65 ? -5.132  -5.150  2.884   1.00 21.01 ? 66  ASN A N   1 
ATOM   479 C CA  . ASN A 1 65 ? -4.960  -5.064  4.347   1.00 21.83 ? 66  ASN A CA  1 
ATOM   480 C C   . ASN A 1 65 ? -3.766  -4.250  4.764   1.00 21.94 ? 66  ASN A C   1 
ATOM   481 O O   . ASN A 1 65 ? -2.911  -4.703  5.555   1.00 25.44 ? 66  ASN A O   1 
ATOM   482 C CB  . ASN A 1 65 ? -4.923  -6.517  4.948   1.00 26.78 ? 66  ASN A CB  1 
ATOM   483 C CG  . ASN A 1 65 ? -6.010  -7.443  4.422   1.00 26.26 ? 66  ASN A CG  1 
ATOM   484 O OD1 . ASN A 1 65 ? -7.193  -7.240  4.713   1.00 30.17 ? 66  ASN A OD1 1 
ATOM   485 N ND2 . ASN A 1 65 ? -5.650  -8.426  3.600   1.00 27.84 ? 66  ASN A ND2 1 
ATOM   486 N N   . VAL A 1 66 ? -3.697  -3.043  4.257   1.00 21.95 ? 67  VAL A N   1 
ATOM   487 C CA  . VAL A 1 66 ? -2.598  -2.101  4.518   1.00 20.15 ? 67  VAL A CA  1 
ATOM   488 C C   . VAL A 1 66 ? -2.713  -1.531  5.919   1.00 21.27 ? 67  VAL A C   1 
ATOM   489 O O   . VAL A 1 66 ? -3.702  -0.887  6.285   1.00 23.33 ? 67  VAL A O   1 
ATOM   490 C CB  . VAL A 1 66 ? -2.512  -0.978  3.457   1.00 18.04 ? 67  VAL A CB  1 
ATOM   491 C CG1 . VAL A 1 66 ? -1.342  -0.026  3.717   1.00 14.37 ? 67  VAL A CG1 1 
ATOM   492 C CG2 . VAL A 1 66 ? -2.499  -1.539  2.056   1.00 11.46 ? 67  VAL A CG2 1 
ATOM   493 N N   . THR A 1 67 ? -1.629  -1.778  6.602   1.00 22.27 ? 68  THR A N   1 
ATOM   494 C CA  . THR A 1 67 ? -1.405  -1.385  7.984   1.00 24.54 ? 68  THR A CA  1 
ATOM   495 C C   . THR A 1 67 ? -0.220  -0.492  8.166   1.00 26.25 ? 68  THR A C   1 
ATOM   496 O O   . THR A 1 67 ? 0.706   -0.727  7.411   1.00 27.63 ? 68  THR A O   1 
ATOM   497 C CB  . THR A 1 67 ? -1.198  -2.760  8.747   1.00 25.06 ? 68  THR A CB  1 
ATOM   498 O OG1 . THR A 1 67 ? -2.605  -2.961  9.137   1.00 34.58 ? 68  THR A OG1 1 
ATOM   499 C CG2 . THR A 1 67 ? -0.264  -2.894  9.935   1.00 29.27 ? 68  THR A CG2 1 
ATOM   500 N N   . SER A 1 68 ? -0.199  0.418   9.094   1.00 30.09 ? 69  SER A N   1 
ATOM   501 C CA  . SER A 1 68 ? 0.970   1.274   9.332   1.00 32.16 ? 69  SER A CA  1 
ATOM   502 C C   . SER A 1 68 ? 1.898   0.516   10.273  1.00 33.61 ? 69  SER A C   1 
ATOM   503 O O   . SER A 1 68 ? 1.434   -0.265  11.098  1.00 35.44 ? 69  SER A O   1 
ATOM   504 C CB  . SER A 1 68 ? 0.652   2.593   9.998   1.00 34.08 ? 69  SER A CB  1 
ATOM   505 O OG  . SER A 1 68 ? 0.065   3.351   8.950   1.00 40.46 ? 69  SER A OG  1 
ATOM   506 N N   . LEU A 1 69 ? 3.145   0.773   10.133  1.00 35.01 ? 70  LEU A N   1 
ATOM   507 C CA  . LEU A 1 69 ? 4.199   0.178   10.946  1.00 39.19 ? 70  LEU A CA  1 
ATOM   508 C C   . LEU A 1 69 ? 4.902   1.347   11.650  1.00 41.56 ? 70  LEU A C   1 
ATOM   509 O O   . LEU A 1 69 ? 5.820   1.035   12.417  1.00 43.94 ? 70  LEU A O   1 
ATOM   510 C CB  . LEU A 1 69 ? 5.114   -0.678  10.089  1.00 39.41 ? 70  LEU A CB  1 
ATOM   511 C CG  . LEU A 1 69 ? 4.716   -1.972  9.437   1.00 38.51 ? 70  LEU A CG  1 
ATOM   512 C CD1 . LEU A 1 69 ? 5.878   -2.537  8.614   1.00 39.54 ? 70  LEU A CD1 1 
ATOM   513 C CD2 . LEU A 1 69 ? 4.388   -3.039  10.467  1.00 40.97 ? 70  LEU A CD2 1 
ATOM   514 O OXT . LEU A 1 69 ? 4.519   2.524   11.398  1.00 46.94 ? 70  LEU A OXT 1 
HETATM 515 O O   . HOH B 2 .  ? 1.562   12.220  -5.425  1.00 19.41 ? 101 HOH A O   1 
HETATM 516 O O   . HOH B 2 .  ? 2.633   6.123   -17.654 1.00 20.84 ? 102 HOH A O   1 
HETATM 517 O O   . HOH B 2 .  ? -5.099  -1.440  -3.063  1.00 16.35 ? 103 HOH A O   1 
HETATM 518 O O   . HOH B 2 .  ? -9.865  -13.665 -11.643 1.00 31.90 ? 104 HOH A O   1 
HETATM 519 O O   . HOH B 2 .  ? 5.413   -6.733  -6.240  1.00 18.10 ? 105 HOH A O   1 
HETATM 520 O O   . HOH B 2 .  ? 1.546   -3.000  -9.238  1.00 30.92 ? 106 HOH A O   1 
HETATM 521 O O   . HOH B 2 .  ? -8.641  -11.075 -9.516  1.00 37.85 ? 107 HOH A O   1 
HETATM 522 O O   . HOH B 2 .  ? 6.021   -8.304  -8.205  1.00 64.78 ? 108 HOH A O   1 
HETATM 523 O O   . HOH B 2 .  ? 3.805   -0.829  -10.967 1.00 47.57 ? 109 HOH A O   1 
HETATM 524 O O   . HOH B 2 .  ? 7.976   9.961   -5.005  1.00 50.93 ? 110 HOH A O   1 
HETATM 525 O O   . HOH B 2 .  ? 4.566   4.069   -19.077 1.00 32.80 ? 111 HOH A O   1 
HETATM 526 O O   . HOH B 2 .  ? -10.233 -6.020  -1.905  1.00 32.44 ? 112 HOH A O   1 
HETATM 527 O O   . HOH B 2 .  ? 14.479  6.109   -13.172 1.00 66.55 ? 113 HOH A O   1 
HETATM 528 O O   . HOH B 2 .  ? 0.770   -11.774 0.378   1.00 56.10 ? 114 HOH A O   1 
HETATM 529 O O   . HOH B 2 .  ? -4.387  -7.642  -13.855 1.00 66.78 ? 115 HOH A O   1 
HETATM 530 O O   . HOH B 2 .  ? 11.143  -0.556  0.627   1.00 31.94 ? 116 HOH A O   1 
HETATM 531 O O   . HOH B 2 .  ? 17.994  -17.169 -19.882 1.00 38.36 ? 117 HOH A O   1 
HETATM 532 O O   . HOH B 2 .  ? -0.665  4.715   -11.637 1.00 34.81 ? 118 HOH A O   1 
HETATM 533 O O   . HOH B 2 .  ? 0.398   5.250   -21.153 1.00 33.73 ? 119 HOH A O   1 
HETATM 534 O O   . HOH B 2 .  ? -1.956  -13.912 4.753   1.00 36.56 ? 120 HOH A O   1 
HETATM 535 O O   . HOH B 2 .  ? 14.081  -8.043  -22.158 1.00 60.14 ? 121 HOH A O   1 
HETATM 536 O O   . HOH B 2 .  ? 8.283   4.798   -13.058 1.00 65.39 ? 122 HOH A O   1 
HETATM 537 O O   . HOH B 2 .  ? 10.739  2.123   -7.061  1.00 44.83 ? 123 HOH A O   1 
HETATM 538 O O   . HOH B 2 .  ? 14.384  -3.759  -7.063  1.00 37.32 ? 124 HOH A O   1 
HETATM 539 O O   . HOH B 2 .  ? 10.884  2.635   12.030  1.00 35.41 ? 125 HOH A O   1 
HETATM 540 O O   . HOH B 2 .  ? 9.066   2.319   -12.505 1.00 65.13 ? 126 HOH A O   1 
HETATM 541 O O   . HOH B 2 .  ? -8.906  -1.249  -18.950 1.00 51.81 ? 127 HOH A O   1 
HETATM 542 O O   . HOH B 2 .  ? 6.165   5.555   -15.632 1.00 39.91 ? 128 HOH A O   1 
HETATM 543 O O   . HOH B 2 .  ? 10.311  -1.802  -6.189  1.00 39.17 ? 129 HOH A O   1 
HETATM 544 O O   . HOH B 2 .  ? 5.082   2.228   -10.201 1.00 43.37 ? 130 HOH A O   1 
HETATM 545 O O   . HOH B 2 .  ? -7.965  -4.486  -8.347  1.00 53.64 ? 131 HOH A O   1 
HETATM 546 O O   . HOH B 2 .  ? 10.361  -1.705  -13.805 1.00 31.44 ? 132 HOH A O   1 
HETATM 547 O O   . HOH B 2 .  ? 11.342  -2.908  -9.900  1.00 58.34 ? 133 HOH A O   1 
HETATM 548 O O   . HOH B 2 .  ? 9.574   7.742   -2.653  1.00 60.45 ? 134 HOH A O   1 
HETATM 549 O O   . HOH B 2 .  ? 3.081   5.142   -14.978 1.00 46.64 ? 135 HOH A O   1 
HETATM 550 O O   . HOH B 2 .  ? 1.311   13.899  3.286   1.00 56.92 ? 136 HOH A O   1 
# 
